data_4U15
#
_entry.id   4U15
#
_cell.length_a   152.311
_cell.length_b   184.563
_cell.length_c   52.613
_cell.angle_alpha   90.00
_cell.angle_beta   98.54
_cell.angle_gamma   90.00
#
_symmetry.space_group_name_H-M   'C 1 2 1'
#
loop_
_entity.id
_entity.type
_entity.pdbx_description
1 polymer 'Muscarinic acetylcholine receptor M3,Lysozyme,Muscarinic acetylcholine receptor M3'
2 non-polymer (1R,2R,4S,5S,7S)-7-{[hydroxy(dithiophen-2-yl)acetyl]oxy}-9,9-dimethyl-3-oxa-9-azoniatricyclo[3.3.1.0~2,4~]nonane
3 non-polymer 'HEXAETHYLENE GLYCOL'
4 non-polymer 'D(-)-TARTARIC ACID'
5 non-polymer '(2R)-2,3-dihydroxypropyl (9Z)-octadec-9-enoate'
6 water water
#
_entity_poly.entity_id   1
_entity_poly.type   'polypeptide(L)'
_entity_poly.pdbx_seq_one_letter_code
;GDPLGGHTIWQVVFIAFLTGFLALVTIIGNILVIVAFKVNKQLKTVNNYFLLSLACADLIIGVISMNLFTTYIIMNRWAL
GNLACDLWLSIDYVASNASVMNLLVISFDRYFSITRPLTYRAKRTTKRAGVMIGLAWVISFVLWAPAILFWQYFVGKRTV
PPGECFIQFLSEPTITFGTAIAAFYMPVTIMTILYWRIYKETEKMNIFEMLRIDEGGGSGGDEAEKLFNQDVDAAVRGIL
RNAKLKPVYDSLDAVRRAALINMVFQMGETGVAGFTNSLRMLQQKRWDEAAVNLAKSRWYNQTPNRAKRVITTFRTGTWD
AYLIKEKKAAQTLSAILLAFIITWTPYNIMVLVNTFCDSCIPKTYWNLGYWLCYINSTVNPVCYALCNKTFRTTFKTLLL
CQCDKRKRRKHHHHHHHH
;
_entity_poly.pdbx_strand_id   A,B
#
# COMPACT_ATOMS: atom_id res chain seq x y z
N THR A 8 40.46 9.97 -1.09
CA THR A 8 41.46 9.53 -0.12
C THR A 8 40.80 9.11 1.19
N ILE A 9 41.59 9.15 2.27
CA ILE A 9 41.09 8.77 3.59
C ILE A 9 40.84 10.01 4.44
N TRP A 10 41.20 11.16 3.91
CA TRP A 10 41.02 12.43 4.62
C TRP A 10 39.54 12.78 4.69
N GLN A 11 38.81 12.39 3.64
CA GLN A 11 37.37 12.61 3.60
C GLN A 11 36.64 11.52 4.38
N VAL A 12 37.28 10.35 4.48
CA VAL A 12 36.72 9.22 5.21
C VAL A 12 36.65 9.52 6.70
N VAL A 13 37.68 10.18 7.22
CA VAL A 13 37.71 10.57 8.62
C VAL A 13 36.68 11.68 8.88
N PHE A 14 36.53 12.57 7.89
CA PHE A 14 35.55 13.65 7.99
C PHE A 14 34.13 13.10 7.96
N ILE A 15 33.92 12.06 7.16
CA ILE A 15 32.61 11.44 7.07
C ILE A 15 32.29 10.69 8.36
N ALA A 16 33.30 10.06 8.95
CA ALA A 16 33.12 9.32 10.19
C ALA A 16 32.82 10.24 11.37
N PHE A 17 33.31 11.47 11.27
CA PHE A 17 33.11 12.45 12.34
C PHE A 17 31.69 13.01 12.32
N LEU A 18 31.19 13.33 11.13
CA LEU A 18 29.85 13.89 10.98
C LEU A 18 28.79 12.83 11.30
N THR A 19 29.00 11.62 10.80
CA THR A 19 28.07 10.52 11.03
C THR A 19 28.01 10.14 12.50
N GLY A 20 29.14 10.27 13.19
CA GLY A 20 29.21 9.97 14.61
C GLY A 20 28.61 11.08 15.44
N PHE A 21 28.51 12.27 14.85
CA PHE A 21 27.93 13.42 15.54
C PHE A 21 26.42 13.30 15.60
N LEU A 22 25.79 13.20 14.44
CA LEU A 22 24.33 13.12 14.34
C LEU A 22 23.78 11.86 15.01
N ALA A 23 24.63 10.84 15.14
CA ALA A 23 24.24 9.61 15.80
C ALA A 23 24.02 9.81 17.29
N LEU A 24 24.96 10.48 17.93
CA LEU A 24 24.88 10.71 19.37
C LEU A 24 23.88 11.82 19.70
N VAL A 25 23.72 12.78 18.80
CA VAL A 25 22.72 13.83 18.96
C VAL A 25 21.32 13.22 18.94
N THR A 26 21.14 12.21 18.09
CA THR A 26 19.89 11.48 18.01
C THR A 26 19.60 10.73 19.31
N ILE A 27 20.62 10.11 19.87
CA ILE A 27 20.48 9.33 21.10
C ILE A 27 20.13 10.21 22.30
N ILE A 28 20.97 11.22 22.55
CA ILE A 28 20.74 12.12 23.67
C ILE A 28 19.55 13.04 23.43
N GLY A 29 19.10 13.12 22.19
CA GLY A 29 17.93 13.90 21.86
C GLY A 29 16.65 13.14 22.10
N ASN A 30 16.72 11.81 21.98
CA ASN A 30 15.55 10.96 22.18
C ASN A 30 15.49 10.36 23.58
N ILE A 31 16.66 10.07 24.14
CA ILE A 31 16.72 9.54 25.50
C ILE A 31 16.34 10.65 26.48
N LEU A 32 16.43 11.90 26.02
CA LEU A 32 16.02 13.05 26.80
C LEU A 32 14.51 13.12 26.87
N VAL A 33 13.86 12.81 25.75
CA VAL A 33 12.40 12.82 25.65
C VAL A 33 11.80 11.70 26.50
N ILE A 34 12.46 10.54 26.50
CA ILE A 34 12.00 9.40 27.28
C ILE A 34 12.10 9.68 28.78
N VAL A 35 13.22 10.26 29.20
CA VAL A 35 13.42 10.61 30.61
C VAL A 35 12.44 11.70 31.03
N ALA A 36 12.25 12.70 30.18
CA ALA A 36 11.31 13.78 30.43
C ALA A 36 9.86 13.26 30.47
N PHE A 37 9.65 12.09 29.87
CA PHE A 37 8.35 11.45 29.87
C PHE A 37 8.14 10.62 31.13
N LYS A 38 9.22 10.00 31.60
CA LYS A 38 9.17 9.15 32.78
C LYS A 38 9.01 9.96 34.06
N VAL A 39 9.78 11.04 34.18
CA VAL A 39 9.75 11.88 35.37
C VAL A 39 8.44 12.65 35.46
N ASN A 40 8.25 13.61 34.56
CA ASN A 40 7.04 14.44 34.57
C ASN A 40 5.82 13.65 34.14
N LYS A 41 4.86 13.50 35.06
CA LYS A 41 3.65 12.74 34.79
C LYS A 41 2.57 13.61 34.16
N GLN A 42 2.92 14.87 33.89
CA GLN A 42 1.98 15.80 33.28
C GLN A 42 2.15 15.84 31.75
N LEU A 43 3.20 15.20 31.26
CA LEU A 43 3.46 15.12 29.82
C LEU A 43 2.99 13.80 29.23
N LYS A 44 2.38 12.97 30.07
CA LYS A 44 1.93 11.65 29.63
C LYS A 44 0.48 11.69 29.17
N THR A 45 0.19 12.51 28.17
CA THR A 45 -1.15 12.63 27.62
C THR A 45 -1.43 11.54 26.59
N VAL A 46 -2.37 11.80 25.70
CA VAL A 46 -2.72 10.84 24.65
C VAL A 46 -1.86 11.04 23.41
N ASN A 47 -1.75 12.28 22.96
CA ASN A 47 -0.94 12.60 21.79
C ASN A 47 0.55 12.43 22.06
N ASN A 48 0.98 12.83 23.25
CA ASN A 48 2.39 12.73 23.62
C ASN A 48 2.80 11.29 23.89
N TYR A 49 1.82 10.42 24.11
CA TYR A 49 2.09 9.00 24.31
C TYR A 49 2.52 8.37 22.99
N PHE A 50 2.02 8.93 21.89
CA PHE A 50 2.41 8.50 20.56
C PHE A 50 3.81 8.99 20.22
N LEU A 51 4.14 10.18 20.71
CA LEU A 51 5.46 10.76 20.49
C LEU A 51 6.54 9.94 21.18
N LEU A 52 6.14 9.19 22.20
CA LEU A 52 7.06 8.31 22.90
C LEU A 52 7.48 7.16 22.00
N SER A 53 6.54 6.66 21.21
CA SER A 53 6.81 5.58 20.27
C SER A 53 7.78 6.04 19.18
N LEU A 54 7.66 7.29 18.78
CA LEU A 54 8.59 7.89 17.83
C LEU A 54 9.99 7.98 18.44
N ALA A 55 10.05 8.44 19.69
CA ALA A 55 11.31 8.57 20.40
C ALA A 55 11.96 7.20 20.62
N CYS A 56 11.15 6.20 20.94
CA CYS A 56 11.65 4.85 21.14
C CYS A 56 12.22 4.28 19.86
N ALA A 57 11.52 4.51 18.76
CA ALA A 57 11.97 4.05 17.44
C ALA A 57 13.25 4.78 17.05
N ASP A 58 13.24 6.11 17.18
CA ASP A 58 14.38 6.93 16.81
C ASP A 58 15.61 6.66 17.69
N LEU A 59 15.37 6.13 18.88
CA LEU A 59 16.46 5.76 19.77
C LEU A 59 17.20 4.54 19.23
N ILE A 60 16.42 3.55 18.78
CA ILE A 60 16.99 2.34 18.19
C ILE A 60 17.77 2.67 16.92
N ILE A 61 17.28 3.65 16.17
CA ILE A 61 17.94 4.09 14.95
C ILE A 61 19.26 4.80 15.25
N GLY A 62 19.25 5.67 16.26
CA GLY A 62 20.40 6.47 16.60
C GLY A 62 21.53 5.72 17.27
N VAL A 63 21.24 4.54 17.80
CA VAL A 63 22.24 3.78 18.55
C VAL A 63 22.66 2.50 17.82
N ILE A 64 21.87 2.08 16.83
CA ILE A 64 22.17 0.87 16.09
C ILE A 64 22.28 1.11 14.58
N SER A 65 21.19 1.61 13.99
CA SER A 65 21.11 1.77 12.54
C SER A 65 22.12 2.78 12.00
N MET A 66 22.23 3.93 12.67
CA MET A 66 23.09 5.01 12.21
C MET A 66 24.57 4.70 12.45
N ASN A 67 24.85 3.69 13.25
CA ASN A 67 26.23 3.32 13.56
C ASN A 67 26.70 2.15 12.70
N LEU A 68 25.79 1.24 12.38
CA LEU A 68 26.12 0.07 11.56
C LEU A 68 26.14 0.41 10.08
N PHE A 69 25.46 1.50 9.71
CA PHE A 69 25.45 1.95 8.33
C PHE A 69 26.65 2.86 8.07
N THR A 70 27.20 3.41 9.15
CA THR A 70 28.41 4.22 9.06
C THR A 70 29.60 3.35 8.69
N THR A 71 29.67 2.18 9.33
CA THR A 71 30.74 1.22 9.08
C THR A 71 30.70 0.71 7.64
N TYR A 72 29.50 0.54 7.11
CA TYR A 72 29.32 0.07 5.75
C TYR A 72 29.88 1.05 4.72
N ILE A 73 29.90 2.34 5.07
CA ILE A 73 30.41 3.36 4.17
C ILE A 73 31.92 3.52 4.32
N ILE A 74 32.40 3.47 5.57
CA ILE A 74 33.82 3.60 5.85
C ILE A 74 34.63 2.44 5.26
N MET A 75 34.27 1.23 5.64
CA MET A 75 35.00 0.04 5.20
C MET A 75 34.61 -0.41 3.81
N ASN A 76 33.55 0.18 3.28
CA ASN A 76 32.99 -0.18 1.97
C ASN A 76 32.66 -1.68 1.89
N ARG A 77 32.37 -2.28 3.04
CA ARG A 77 32.04 -3.69 3.12
C ARG A 77 31.35 -4.01 4.44
N TRP A 78 30.60 -5.11 4.46
CA TRP A 78 29.91 -5.53 5.67
C TRP A 78 30.71 -6.63 6.38
N ALA A 79 31.32 -6.27 7.49
CA ALA A 79 32.14 -7.20 8.26
C ALA A 79 31.53 -7.53 9.60
N LEU A 80 30.22 -7.74 9.63
CA LEU A 80 29.53 -8.06 10.88
C LEU A 80 28.92 -9.45 10.82
N GLY A 81 28.86 -10.02 9.62
CA GLY A 81 28.32 -11.35 9.44
C GLY A 81 27.01 -11.34 8.68
N ASN A 82 26.46 -12.53 8.46
CA ASN A 82 25.19 -12.67 7.73
C ASN A 82 24.00 -12.59 8.67
N LEU A 83 24.20 -13.03 9.91
CA LEU A 83 23.15 -12.95 10.92
C LEU A 83 22.97 -11.50 11.38
N ALA A 84 24.09 -10.78 11.52
CA ALA A 84 24.07 -9.40 11.96
C ALA A 84 23.53 -8.48 10.86
N CYS A 85 23.69 -8.92 9.62
CA CYS A 85 23.19 -8.16 8.47
C CYS A 85 21.67 -8.20 8.42
N ASP A 86 21.12 -9.41 8.57
CA ASP A 86 19.67 -9.60 8.49
C ASP A 86 18.96 -9.01 9.71
N LEU A 87 19.66 -8.97 10.84
CA LEU A 87 19.08 -8.41 12.06
C LEU A 87 19.13 -6.89 12.04
N TRP A 88 20.21 -6.34 11.48
CA TRP A 88 20.33 -4.88 11.34
C TRP A 88 19.26 -4.35 10.41
N LEU A 89 19.00 -5.07 9.33
CA LEU A 89 17.97 -4.69 8.37
C LEU A 89 16.58 -4.86 8.97
N SER A 90 16.40 -5.89 9.78
CA SER A 90 15.14 -6.12 10.46
C SER A 90 14.88 -4.99 11.44
N ILE A 91 15.91 -4.62 12.19
CA ILE A 91 15.83 -3.52 13.15
C ILE A 91 15.59 -2.19 12.44
N ASP A 92 16.33 -1.93 11.39
CA ASP A 92 16.28 -0.66 10.69
C ASP A 92 15.00 -0.48 9.88
N TYR A 93 14.22 -1.54 9.72
CA TYR A 93 12.99 -1.47 8.93
C TYR A 93 11.73 -1.59 9.78
N VAL A 94 11.71 -2.54 10.72
CA VAL A 94 10.56 -2.72 11.59
C VAL A 94 10.33 -1.48 12.46
N ALA A 95 11.41 -0.95 13.03
CA ALA A 95 11.33 0.23 13.88
C ALA A 95 11.03 1.47 13.05
N SER A 96 11.46 1.47 11.80
CA SER A 96 11.29 2.61 10.92
C SER A 96 9.91 2.58 10.26
N ASN A 97 9.35 1.39 10.10
CA ASN A 97 8.01 1.25 9.56
C ASN A 97 6.96 1.58 10.63
N ALA A 98 7.28 1.28 11.88
CA ALA A 98 6.42 1.65 12.99
C ALA A 98 6.44 3.16 13.18
N SER A 99 7.57 3.77 12.82
CA SER A 99 7.75 5.21 12.92
C SER A 99 6.81 5.97 11.99
N VAL A 100 6.41 5.34 10.88
CA VAL A 100 5.51 5.98 9.94
C VAL A 100 4.06 5.61 10.26
N MET A 101 3.88 4.49 10.96
CA MET A 101 2.55 4.10 11.39
C MET A 101 2.09 4.98 12.53
N ASN A 102 3.05 5.42 13.34
CA ASN A 102 2.76 6.37 14.41
C ASN A 102 2.28 7.69 13.83
N LEU A 103 2.95 8.17 12.79
CA LEU A 103 2.58 9.42 12.15
C LEU A 103 1.17 9.32 11.57
N LEU A 104 0.83 8.15 11.06
CA LEU A 104 -0.53 7.91 10.57
C LEU A 104 -1.53 7.97 11.71
N VAL A 105 -1.19 7.35 12.84
CA VAL A 105 -2.05 7.35 14.02
C VAL A 105 -2.20 8.76 14.57
N ILE A 106 -1.06 9.45 14.72
CA ILE A 106 -1.06 10.85 15.17
C ILE A 106 -1.94 11.72 14.27
N SER A 107 -1.83 11.53 12.96
CA SER A 107 -2.64 12.31 12.01
C SER A 107 -4.12 11.95 12.10
N PHE A 108 -4.41 10.67 12.34
CA PHE A 108 -5.79 10.22 12.50
C PHE A 108 -6.32 10.60 13.87
N ASP A 109 -5.42 10.89 14.79
CA ASP A 109 -5.79 11.29 16.14
C ASP A 109 -6.30 12.73 16.17
N ARG A 110 -5.74 13.55 15.28
CA ARG A 110 -6.09 14.97 15.24
C ARG A 110 -7.25 15.24 14.30
N TYR A 111 -7.30 14.50 13.19
CA TYR A 111 -8.34 14.68 12.18
C TYR A 111 -9.72 14.34 12.75
N PHE A 112 -9.77 13.29 13.57
CA PHE A 112 -11.03 12.86 14.18
C PHE A 112 -11.49 13.86 15.24
N SER A 113 -10.53 14.51 15.89
CA SER A 113 -10.82 15.49 16.92
C SER A 113 -11.33 16.80 16.32
N ILE A 114 -11.24 16.92 15.00
CA ILE A 114 -11.69 18.13 14.31
C ILE A 114 -12.94 17.83 13.48
N THR A 115 -12.96 16.69 12.79
CA THR A 115 -14.08 16.33 11.94
C THR A 115 -15.24 15.75 12.76
N ARG A 116 -14.92 14.90 13.73
CA ARG A 116 -15.93 14.30 14.58
C ARG A 116 -15.67 14.60 16.06
N PRO A 117 -16.02 15.82 16.50
CA PRO A 117 -15.71 16.29 17.86
C PRO A 117 -16.69 15.79 18.93
N LEU A 118 -17.78 15.16 18.50
CA LEU A 118 -18.83 14.75 19.44
C LEU A 118 -18.67 13.31 19.91
N THR A 119 -18.21 12.43 19.03
CA THR A 119 -18.10 11.02 19.37
C THR A 119 -16.70 10.47 19.17
N TYR A 120 -15.70 11.25 19.56
CA TYR A 120 -14.32 10.80 19.48
C TYR A 120 -13.45 11.37 20.60
N ARG A 121 -13.53 12.69 20.78
CA ARG A 121 -12.70 13.37 21.76
C ARG A 121 -12.92 12.86 23.18
N ALA A 122 -14.10 12.33 23.44
CA ALA A 122 -14.44 11.79 24.75
C ALA A 122 -14.10 10.31 24.85
N LYS A 123 -13.45 9.79 23.82
CA LYS A 123 -13.08 8.37 23.78
C LYS A 123 -11.56 8.19 23.78
N ARG A 124 -10.83 9.29 23.64
CA ARG A 124 -9.37 9.24 23.61
C ARG A 124 -8.79 8.89 24.98
N THR A 125 -8.64 7.60 25.24
CA THR A 125 -8.09 7.12 26.50
C THR A 125 -6.62 6.78 26.35
N THR A 126 -5.98 6.42 27.47
CA THR A 126 -4.59 5.98 27.47
C THR A 126 -4.53 4.51 27.06
N LYS A 127 -5.65 3.82 27.23
CA LYS A 127 -5.76 2.41 26.85
C LYS A 127 -5.73 2.26 25.33
N ARG A 128 -6.61 2.97 24.64
CA ARG A 128 -6.69 2.91 23.19
C ARG A 128 -5.44 3.49 22.53
N ALA A 129 -4.77 4.40 23.23
CA ALA A 129 -3.53 5.00 22.74
C ALA A 129 -2.36 4.04 22.95
N GLY A 130 -2.50 3.15 23.93
CA GLY A 130 -1.46 2.17 24.22
C GLY A 130 -1.58 0.94 23.35
N VAL A 131 -2.79 0.67 22.87
CA VAL A 131 -3.04 -0.47 22.01
C VAL A 131 -2.60 -0.18 20.58
N MET A 132 -2.89 1.02 20.11
CA MET A 132 -2.50 1.45 18.77
C MET A 132 -0.99 1.32 18.55
N ILE A 133 -0.22 1.71 19.56
CA ILE A 133 1.24 1.63 19.49
C ILE A 133 1.68 0.18 19.43
N GLY A 134 1.02 -0.67 20.21
CA GLY A 134 1.33 -2.09 20.22
C GLY A 134 1.06 -2.73 18.87
N LEU A 135 -0.02 -2.32 18.22
CA LEU A 135 -0.38 -2.89 16.94
C LEU A 135 0.60 -2.47 15.85
N ALA A 136 1.15 -1.27 15.95
CA ALA A 136 2.07 -0.78 14.94
C ALA A 136 3.41 -1.51 15.02
N TRP A 137 3.92 -1.70 16.23
CA TRP A 137 5.15 -2.46 16.44
C TRP A 137 5.04 -3.92 15.99
N VAL A 138 3.89 -4.54 16.26
CA VAL A 138 3.65 -5.93 15.92
C VAL A 138 3.50 -6.11 14.41
N ILE A 139 2.65 -5.30 13.79
CA ILE A 139 2.42 -5.40 12.35
C ILE A 139 3.69 -5.05 11.56
N SER A 140 4.46 -4.07 12.04
CA SER A 140 5.74 -3.74 11.42
C SER A 140 6.71 -4.90 11.48
N PHE A 141 6.61 -5.67 12.55
CA PHE A 141 7.46 -6.84 12.73
C PHE A 141 7.07 -7.94 11.76
N VAL A 142 5.76 -8.19 11.66
CA VAL A 142 5.24 -9.28 10.85
C VAL A 142 5.47 -9.07 9.34
N LEU A 143 5.28 -7.83 8.87
CA LEU A 143 5.46 -7.49 7.46
C LEU A 143 6.92 -7.47 7.01
N TRP A 144 7.84 -7.25 7.96
CA TRP A 144 9.24 -7.08 7.54
C TRP A 144 10.16 -8.20 8.02
N ALA A 145 10.09 -8.56 9.30
CA ALA A 145 11.08 -9.48 9.86
C ALA A 145 11.11 -10.86 9.20
N PRO A 146 9.94 -11.49 8.98
CA PRO A 146 10.01 -12.79 8.30
C PRO A 146 10.49 -12.67 6.85
N ALA A 147 10.32 -11.49 6.27
CA ALA A 147 10.73 -11.27 4.89
C ALA A 147 12.24 -11.06 4.78
N ILE A 148 12.81 -10.33 5.74
CA ILE A 148 14.23 -10.02 5.69
C ILE A 148 15.06 -11.20 6.20
N LEU A 149 14.52 -11.94 7.16
CA LEU A 149 15.26 -13.04 7.78
C LEU A 149 15.09 -14.36 7.05
N PHE A 150 13.84 -14.73 6.75
CA PHE A 150 13.54 -16.08 6.31
C PHE A 150 13.45 -16.27 4.79
N TRP A 151 13.60 -15.20 4.03
CA TRP A 151 13.40 -15.29 2.58
C TRP A 151 14.49 -16.14 1.92
N GLN A 152 15.71 -16.07 2.46
CA GLN A 152 16.84 -16.81 1.91
C GLN A 152 16.64 -18.32 2.00
N TYR A 153 15.93 -18.76 3.03
CA TYR A 153 15.67 -20.19 3.22
C TYR A 153 14.56 -20.68 2.30
N PHE A 154 13.57 -19.82 2.06
CA PHE A 154 12.47 -20.16 1.16
C PHE A 154 12.96 -20.31 -0.28
N VAL A 155 13.87 -19.43 -0.68
CA VAL A 155 14.44 -19.49 -2.02
C VAL A 155 15.31 -20.72 -2.17
N GLY A 156 16.14 -20.99 -1.17
CA GLY A 156 17.03 -22.13 -1.20
C GLY A 156 18.49 -21.70 -1.23
N LYS A 157 18.70 -20.39 -1.34
CA LYS A 157 20.05 -19.84 -1.32
C LYS A 157 20.05 -18.39 -0.84
N ARG A 158 21.23 -17.83 -0.62
CA ARG A 158 21.37 -16.44 -0.24
C ARG A 158 21.88 -15.60 -1.42
N THR A 159 21.02 -14.72 -1.92
CA THR A 159 21.36 -13.86 -3.05
C THR A 159 22.42 -12.84 -2.67
N VAL A 160 22.27 -12.27 -1.47
CA VAL A 160 23.17 -11.24 -0.98
C VAL A 160 24.61 -11.76 -0.86
N PRO A 161 25.50 -11.22 -1.70
CA PRO A 161 26.90 -11.68 -1.73
C PRO A 161 27.69 -11.25 -0.51
N PRO A 162 28.70 -12.03 -0.12
CA PRO A 162 29.57 -11.71 1.03
C PRO A 162 30.30 -10.39 0.84
N GLY A 163 30.15 -9.48 1.80
CA GLY A 163 30.79 -8.18 1.72
C GLY A 163 29.80 -7.05 1.49
N GLU A 164 28.55 -7.41 1.26
CA GLU A 164 27.49 -6.44 1.05
C GLU A 164 26.28 -6.75 1.92
N CYS A 165 25.38 -5.78 2.07
CA CYS A 165 24.19 -5.96 2.89
C CYS A 165 22.97 -5.28 2.29
N PHE A 166 21.93 -6.07 2.01
CA PHE A 166 20.67 -5.56 1.51
C PHE A 166 19.58 -6.62 1.66
N ILE A 167 18.33 -6.22 1.47
CA ILE A 167 17.20 -7.14 1.61
C ILE A 167 17.04 -7.99 0.35
N GLN A 168 16.96 -9.30 0.54
CA GLN A 168 16.95 -10.24 -0.58
C GLN A 168 15.64 -10.23 -1.37
N PHE A 169 14.52 -10.09 -0.68
CA PHE A 169 13.22 -10.12 -1.35
C PHE A 169 12.91 -8.77 -1.98
N LEU A 170 13.76 -7.78 -1.70
CA LEU A 170 13.65 -6.48 -2.35
C LEU A 170 14.77 -6.28 -3.37
N SER A 171 15.27 -7.39 -3.91
CA SER A 171 16.33 -7.33 -4.92
C SER A 171 15.80 -6.69 -6.20
N GLU A 172 14.57 -7.03 -6.57
CA GLU A 172 13.95 -6.47 -7.77
C GLU A 172 13.37 -5.08 -7.50
N PRO A 173 13.69 -4.11 -8.37
CA PRO A 173 13.17 -2.75 -8.22
C PRO A 173 11.64 -2.69 -8.32
N THR A 174 11.05 -3.68 -8.99
CA THR A 174 9.60 -3.73 -9.14
C THR A 174 8.93 -4.03 -7.81
N ILE A 175 9.45 -5.01 -7.10
CA ILE A 175 8.98 -5.32 -5.75
C ILE A 175 9.25 -4.14 -4.81
N THR A 176 10.44 -3.58 -4.93
CA THR A 176 10.86 -2.45 -4.11
C THR A 176 9.93 -1.25 -4.30
N PHE A 177 9.53 -1.01 -5.54
CA PHE A 177 8.66 0.10 -5.87
C PHE A 177 7.28 -0.05 -5.22
N GLY A 178 6.71 -1.25 -5.33
CA GLY A 178 5.40 -1.52 -4.76
C GLY A 178 5.38 -1.36 -3.26
N THR A 179 6.49 -1.72 -2.62
CA THR A 179 6.62 -1.56 -1.18
C THR A 179 6.68 -0.09 -0.84
N ALA A 180 7.31 0.70 -1.69
CA ALA A 180 7.44 2.13 -1.46
C ALA A 180 6.08 2.81 -1.52
N ILE A 181 5.24 2.37 -2.45
CA ILE A 181 3.91 2.96 -2.60
C ILE A 181 3.07 2.74 -1.36
N ALA A 182 3.04 1.50 -0.88
CA ALA A 182 2.19 1.12 0.26
C ALA A 182 2.77 1.54 1.61
N ALA A 183 4.08 1.74 1.68
CA ALA A 183 4.71 2.02 2.96
C ALA A 183 5.16 3.48 3.11
N PHE A 184 5.16 4.22 2.01
CA PHE A 184 5.54 5.63 2.08
C PHE A 184 4.58 6.54 1.31
N TYR A 185 4.46 6.30 0.00
CA TYR A 185 3.67 7.17 -0.85
C TYR A 185 2.21 7.25 -0.42
N MET A 186 1.67 6.13 0.05
CA MET A 186 0.29 6.11 0.52
C MET A 186 0.14 6.78 1.90
N PRO A 187 0.98 6.41 2.89
CA PRO A 187 0.88 7.13 4.16
C PRO A 187 1.09 8.64 4.04
N VAL A 188 1.98 9.06 3.15
CA VAL A 188 2.25 10.49 2.96
C VAL A 188 1.03 11.21 2.39
N THR A 189 0.42 10.65 1.35
CA THR A 189 -0.74 11.29 0.74
C THR A 189 -1.91 11.37 1.71
N ILE A 190 -2.07 10.34 2.55
CA ILE A 190 -3.12 10.34 3.56
C ILE A 190 -2.93 11.49 4.54
N MET A 191 -1.74 11.54 5.15
CA MET A 191 -1.41 12.59 6.10
C MET A 191 -1.43 13.98 5.46
N THR A 192 -1.17 14.05 4.17
CA THR A 192 -1.24 15.31 3.44
C THR A 192 -2.68 15.79 3.32
N ILE A 193 -3.58 14.86 3.02
CA ILE A 193 -5.00 15.17 2.91
C ILE A 193 -5.55 15.59 4.27
N LEU A 194 -5.17 14.84 5.29
CA LEU A 194 -5.63 15.13 6.65
C LEU A 194 -5.14 16.51 7.12
N TYR A 195 -3.87 16.79 6.89
CA TYR A 195 -3.26 18.01 7.43
C TYR A 195 -3.94 19.26 6.89
N TRP A 196 -4.31 19.25 5.61
CA TRP A 196 -4.94 20.41 5.00
C TRP A 196 -6.44 20.46 5.28
N ARG A 197 -6.95 19.41 5.91
CA ARG A 197 -8.32 19.42 6.40
C ARG A 197 -8.36 19.78 7.87
N ILE A 198 -7.22 19.61 8.56
CA ILE A 198 -7.12 20.02 9.95
C ILE A 198 -6.77 21.50 10.02
N TYR A 199 -5.84 21.91 9.16
CA TYR A 199 -5.41 23.30 9.08
C TYR A 199 -6.52 24.19 8.51
N LYS A 200 -7.31 23.65 7.61
CA LYS A 200 -8.43 24.40 7.03
C LYS A 200 -9.57 24.53 8.02
N GLU A 201 -9.81 23.47 8.78
CA GLU A 201 -10.90 23.47 9.75
C GLU A 201 -10.38 23.78 11.14
N THR A 202 -9.65 24.87 11.25
CA THR A 202 -9.18 25.35 12.54
C THR A 202 -10.20 26.31 13.13
N GLU A 203 -10.76 27.15 12.27
CA GLU A 203 -11.81 28.08 12.69
C GLU A 203 -12.84 28.29 11.57
N LYS A 204 -13.93 27.50 11.51
CA LYS A 204 -14.30 26.37 12.39
C LYS A 204 -14.35 26.70 13.89
N MET A 205 -15.34 27.50 14.28
CA MET A 205 -15.51 27.86 15.69
C MET A 205 -16.87 28.53 15.90
N ASN A 206 -17.86 27.76 16.31
CA ASN A 206 -19.17 28.32 16.59
C ASN A 206 -19.44 28.44 18.09
N ILE A 207 -20.58 29.04 18.44
CA ILE A 207 -20.93 29.31 19.83
C ILE A 207 -21.04 28.03 20.67
N PHE A 208 -21.52 26.95 20.05
CA PHE A 208 -21.79 25.71 20.76
C PHE A 208 -20.51 25.12 21.35
N GLU A 209 -19.40 25.27 20.63
CA GLU A 209 -18.12 24.79 21.09
C GLU A 209 -17.41 25.84 21.94
N MET A 210 -17.84 27.10 21.80
CA MET A 210 -17.29 28.17 22.60
C MET A 210 -17.69 28.00 24.07
N LEU A 211 -18.96 27.68 24.28
CA LEU A 211 -19.47 27.42 25.63
C LEU A 211 -18.85 26.14 26.18
N ARG A 212 -18.63 25.17 25.29
CA ARG A 212 -18.04 23.89 25.67
C ARG A 212 -16.70 24.09 26.36
N ILE A 213 -15.84 24.88 25.74
CA ILE A 213 -14.52 25.18 26.32
C ILE A 213 -14.61 25.92 27.65
N ASP A 214 -15.50 26.90 27.74
CA ASP A 214 -15.64 27.72 28.93
C ASP A 214 -16.21 26.97 30.13
N GLU A 215 -17.20 26.11 29.89
CA GLU A 215 -17.74 25.27 30.94
C GLU A 215 -16.74 24.20 31.35
N GLY A 216 -15.70 24.03 30.54
CA GLY A 216 -14.84 22.87 30.64
C GLY A 216 -15.67 21.67 30.22
N GLY A 217 -16.68 21.95 29.41
CA GLY A 217 -17.69 20.98 29.04
C GLY A 217 -17.15 19.83 28.23
N GLY A 218 -17.99 18.81 28.07
CA GLY A 218 -17.61 17.65 27.28
C GLY A 218 -18.67 17.33 26.25
N SER A 219 -18.28 16.52 25.26
CA SER A 219 -19.20 16.07 24.24
C SER A 219 -20.36 15.29 24.85
N GLY A 220 -21.57 15.77 24.58
CA GLY A 220 -22.77 15.09 25.07
C GLY A 220 -23.36 14.16 24.04
N GLY A 221 -24.42 13.45 24.44
CA GLY A 221 -25.10 12.55 23.53
C GLY A 221 -25.80 13.26 22.39
N ASP A 222 -26.42 12.49 21.50
CA ASP A 222 -27.15 13.05 20.37
C ASP A 222 -28.33 13.88 20.85
N GLU A 223 -28.95 13.45 21.95
CA GLU A 223 -30.10 14.15 22.50
C GLU A 223 -29.69 15.44 23.19
N ALA A 224 -28.51 15.43 23.82
CA ALA A 224 -28.02 16.59 24.55
C ALA A 224 -27.62 17.73 23.60
N GLU A 225 -27.37 17.39 22.35
CA GLU A 225 -27.02 18.41 21.36
C GLU A 225 -28.27 19.09 20.81
N LYS A 226 -29.38 18.36 20.80
CA LYS A 226 -30.65 18.94 20.39
C LYS A 226 -31.21 19.82 21.52
N LEU A 227 -30.88 19.46 22.76
CA LEU A 227 -31.29 20.25 23.91
C LEU A 227 -30.43 21.50 24.04
N PHE A 228 -29.17 21.39 23.65
CA PHE A 228 -28.24 22.51 23.70
C PHE A 228 -28.65 23.56 22.66
N ASN A 229 -29.13 23.09 21.52
CA ASN A 229 -29.65 23.97 20.48
C ASN A 229 -30.87 24.73 20.98
N GLN A 230 -31.79 23.99 21.58
CA GLN A 230 -33.03 24.56 22.08
C GLN A 230 -32.76 25.60 23.17
N ASP A 231 -31.62 25.47 23.83
CA ASP A 231 -31.22 26.40 24.88
C ASP A 231 -30.57 27.65 24.31
N VAL A 232 -29.76 27.47 23.25
CA VAL A 232 -29.11 28.60 22.60
C VAL A 232 -30.12 29.46 21.86
N ASP A 233 -31.03 28.82 21.13
CA ASP A 233 -32.10 29.53 20.41
C ASP A 233 -32.95 30.34 21.38
N ALA A 234 -33.25 29.76 22.53
CA ALA A 234 -34.03 30.44 23.56
C ALA A 234 -33.25 31.61 24.15
N ALA A 235 -31.93 31.43 24.26
CA ALA A 235 -31.07 32.48 24.78
C ALA A 235 -31.05 33.68 23.83
N VAL A 236 -31.11 33.39 22.53
CA VAL A 236 -31.12 34.46 21.53
C VAL A 236 -32.46 35.18 21.55
N ARG A 237 -33.55 34.41 21.59
CA ARG A 237 -34.89 34.98 21.65
C ARG A 237 -35.07 35.87 22.88
N GLY A 238 -34.49 35.44 24.00
CA GLY A 238 -34.56 36.21 25.23
C GLY A 238 -33.81 37.52 25.14
N ILE A 239 -32.75 37.55 24.33
CA ILE A 239 -31.99 38.78 24.10
C ILE A 239 -32.78 39.73 23.21
N LEU A 240 -33.46 39.18 22.21
CA LEU A 240 -34.26 39.98 21.28
C LEU A 240 -35.49 40.56 21.98
N ARG A 241 -35.94 39.89 23.03
CA ARG A 241 -37.07 40.40 23.82
C ARG A 241 -36.61 41.48 24.78
N ASN A 242 -35.36 41.36 25.24
CA ASN A 242 -34.81 42.30 26.20
C ASN A 242 -34.56 43.66 25.56
N ALA A 243 -35.25 44.68 26.07
CA ALA A 243 -35.19 46.02 25.50
C ALA A 243 -33.81 46.66 25.66
N LYS A 244 -33.02 46.13 26.59
CA LYS A 244 -31.71 46.69 26.88
C LYS A 244 -30.61 45.95 26.11
N LEU A 245 -30.87 44.67 25.82
CA LEU A 245 -29.88 43.82 25.17
C LEU A 245 -30.00 43.82 23.65
N LYS A 246 -31.23 43.96 23.17
CA LYS A 246 -31.51 43.94 21.72
C LYS A 246 -30.73 44.99 20.91
N PRO A 247 -30.70 46.26 21.36
CA PRO A 247 -29.93 47.21 20.55
C PRO A 247 -28.43 46.92 20.54
N VAL A 248 -27.94 46.24 21.57
CA VAL A 248 -26.52 45.91 21.65
C VAL A 248 -26.21 44.69 20.79
N TYR A 249 -27.10 43.70 20.85
CA TYR A 249 -26.93 42.47 20.10
C TYR A 249 -26.98 42.71 18.60
N ASP A 250 -27.89 43.58 18.17
CA ASP A 250 -28.05 43.87 16.75
C ASP A 250 -26.81 44.58 16.20
N SER A 251 -26.17 45.39 17.03
CA SER A 251 -24.99 46.14 16.59
C SER A 251 -23.75 45.26 16.55
N LEU A 252 -23.80 44.13 17.25
CA LEU A 252 -22.65 43.24 17.37
C LEU A 252 -22.53 42.29 16.17
N ASP A 253 -21.29 41.97 15.80
CA ASP A 253 -21.02 41.00 14.75
C ASP A 253 -21.11 39.57 15.27
N ALA A 254 -21.09 38.61 14.35
CA ALA A 254 -21.34 37.19 14.62
C ALA A 254 -20.47 36.62 15.75
N VAL A 255 -19.18 36.91 15.72
CA VAL A 255 -18.26 36.44 16.74
C VAL A 255 -18.58 37.09 18.10
N ARG A 256 -18.81 38.39 18.09
CA ARG A 256 -19.12 39.12 19.33
C ARG A 256 -20.53 38.86 19.83
N ARG A 257 -21.43 38.51 18.91
CA ARG A 257 -22.78 38.12 19.29
C ARG A 257 -22.73 36.87 20.16
N ALA A 258 -21.91 35.92 19.75
CA ALA A 258 -21.72 34.67 20.49
C ALA A 258 -21.17 34.93 21.89
N ALA A 259 -20.23 35.87 21.99
CA ALA A 259 -19.66 36.25 23.28
C ALA A 259 -20.72 36.85 24.21
N LEU A 260 -21.67 37.58 23.64
CA LEU A 260 -22.76 38.13 24.44
C LEU A 260 -23.68 37.01 24.89
N ILE A 261 -23.85 36.01 24.05
CA ILE A 261 -24.67 34.85 24.37
C ILE A 261 -23.98 34.01 25.44
N ASN A 262 -22.65 34.06 25.44
CA ASN A 262 -21.87 33.39 26.47
C ASN A 262 -22.20 33.95 27.86
N MET A 263 -22.37 35.26 27.94
CA MET A 263 -22.69 35.93 29.20
C MET A 263 -24.13 35.68 29.63
N VAL A 264 -25.03 35.61 28.66
CA VAL A 264 -26.44 35.40 28.95
C VAL A 264 -26.66 33.96 29.42
N PHE A 265 -25.91 33.03 28.85
CA PHE A 265 -25.98 31.65 29.30
C PHE A 265 -25.54 31.54 30.76
N GLN A 266 -24.52 32.31 31.12
CA GLN A 266 -23.93 32.24 32.45
C GLN A 266 -24.71 33.03 33.50
N MET A 267 -25.10 34.26 33.16
CA MET A 267 -25.68 35.18 34.13
C MET A 267 -27.14 35.52 33.85
N GLY A 268 -27.69 34.99 32.76
CA GLY A 268 -29.06 35.30 32.39
C GLY A 268 -29.19 36.64 31.69
N GLU A 269 -30.34 36.86 31.05
CA GLU A 269 -30.59 38.10 30.31
C GLU A 269 -30.55 39.33 31.22
N THR A 270 -31.19 39.25 32.37
CA THR A 270 -31.22 40.35 33.33
C THR A 270 -29.82 40.63 33.89
N GLY A 271 -29.06 39.56 34.09
CA GLY A 271 -27.72 39.68 34.63
C GLY A 271 -26.81 40.52 33.76
N VAL A 272 -26.81 40.21 32.47
CA VAL A 272 -25.99 40.93 31.50
C VAL A 272 -26.48 42.37 31.34
N ALA A 273 -27.80 42.55 31.40
CA ALA A 273 -28.42 43.86 31.21
C ALA A 273 -27.88 44.91 32.18
N GLY A 274 -27.38 44.46 33.33
CA GLY A 274 -26.83 45.36 34.33
C GLY A 274 -25.51 46.01 33.91
N PHE A 275 -24.84 45.44 32.93
CA PHE A 275 -23.59 46.00 32.41
C PHE A 275 -23.88 47.19 31.48
N THR A 276 -24.51 48.22 32.02
CA THR A 276 -25.00 49.34 31.22
C THR A 276 -23.91 50.10 30.47
N ASN A 277 -22.86 50.47 31.19
CA ASN A 277 -21.76 51.21 30.58
C ASN A 277 -20.99 50.40 29.56
N SER A 278 -20.77 49.11 29.85
CA SER A 278 -20.04 48.23 28.95
C SER A 278 -20.85 47.93 27.69
N LEU A 279 -22.14 47.66 27.88
CA LEU A 279 -23.03 47.40 26.75
C LEU A 279 -23.12 48.61 25.83
N ARG A 280 -23.00 49.80 26.42
CA ARG A 280 -22.99 51.05 25.66
C ARG A 280 -21.70 51.14 24.84
N MET A 281 -20.58 50.80 25.45
CA MET A 281 -19.30 50.82 24.75
C MET A 281 -19.24 49.76 23.66
N LEU A 282 -20.02 48.70 23.82
CA LEU A 282 -20.06 47.65 22.80
C LEU A 282 -20.82 48.13 21.57
N GLN A 283 -21.92 48.83 21.79
CA GLN A 283 -22.73 49.33 20.68
C GLN A 283 -22.00 50.46 19.97
N GLN A 284 -21.24 51.23 20.74
CA GLN A 284 -20.42 52.30 20.18
C GLN A 284 -19.09 51.74 19.66
N LYS A 285 -18.92 50.43 19.77
CA LYS A 285 -17.75 49.72 19.26
C LYS A 285 -16.44 50.25 19.83
N ARG A 286 -16.48 50.74 21.07
CA ARG A 286 -15.29 51.09 21.82
C ARG A 286 -14.78 49.85 22.55
N TRP A 287 -14.16 48.95 21.81
CA TRP A 287 -13.78 47.64 22.32
C TRP A 287 -12.77 47.70 23.46
N ASP A 288 -11.70 48.46 23.27
CA ASP A 288 -10.65 48.60 24.27
C ASP A 288 -11.18 49.08 25.62
N GLU A 289 -12.05 50.09 25.58
CA GLU A 289 -12.63 50.64 26.80
C GLU A 289 -13.65 49.69 27.40
N ALA A 290 -14.33 48.92 26.56
CA ALA A 290 -15.30 47.94 27.02
C ALA A 290 -14.60 46.75 27.66
N ALA A 291 -13.42 46.42 27.16
CA ALA A 291 -12.63 45.33 27.70
C ALA A 291 -12.12 45.67 29.09
N VAL A 292 -11.59 46.88 29.25
CA VAL A 292 -11.08 47.34 30.53
C VAL A 292 -12.20 47.46 31.57
N ASN A 293 -13.37 47.88 31.12
CA ASN A 293 -14.50 48.08 32.03
C ASN A 293 -15.09 46.75 32.51
N LEU A 294 -15.21 45.79 31.60
CA LEU A 294 -15.74 44.47 31.93
C LEU A 294 -14.79 43.70 32.85
N ALA A 295 -13.52 44.06 32.81
CA ALA A 295 -12.50 43.38 33.61
C ALA A 295 -12.46 43.89 35.04
N LYS A 296 -13.36 44.82 35.37
CA LYS A 296 -13.39 45.40 36.72
C LYS A 296 -14.71 45.09 37.43
N SER A 297 -15.45 44.12 36.91
CA SER A 297 -16.73 43.73 37.50
C SER A 297 -16.60 42.48 38.36
N ARG A 298 -17.70 42.08 38.99
CA ARG A 298 -17.72 40.88 39.80
C ARG A 298 -17.55 39.64 38.93
N TRP A 299 -18.08 39.74 37.72
CA TRP A 299 -18.07 38.63 36.76
C TRP A 299 -16.65 38.18 36.46
N TYR A 300 -15.72 39.13 36.40
CA TYR A 300 -14.33 38.82 36.10
C TYR A 300 -13.60 38.22 37.30
N ASN A 301 -14.20 38.35 38.48
CA ASN A 301 -13.57 37.80 39.69
C ASN A 301 -14.18 36.48 40.13
N GLN A 302 -15.45 36.28 39.82
CA GLN A 302 -16.11 35.00 40.09
C GLN A 302 -15.56 33.91 39.17
N THR A 303 -15.52 34.21 37.87
CA THR A 303 -14.98 33.30 36.87
C THR A 303 -14.01 34.02 35.94
N PRO A 304 -12.78 34.25 36.42
CA PRO A 304 -11.75 35.00 35.67
C PRO A 304 -11.30 34.34 34.37
N ASN A 305 -11.38 33.01 34.29
CA ASN A 305 -10.98 32.31 33.07
C ASN A 305 -11.99 32.49 31.95
N ARG A 306 -13.25 32.18 32.24
CA ARG A 306 -14.33 32.31 31.26
C ARG A 306 -14.51 33.75 30.82
N ALA A 307 -14.32 34.68 31.76
CA ALA A 307 -14.46 36.09 31.46
C ALA A 307 -13.34 36.59 30.57
N LYS A 308 -12.10 36.18 30.86
CA LYS A 308 -10.95 36.66 30.12
C LYS A 308 -11.04 36.29 28.64
N ARG A 309 -11.67 35.16 28.34
CA ARG A 309 -11.82 34.73 26.95
C ARG A 309 -12.95 35.46 26.25
N VAL A 310 -14.06 35.67 26.96
CA VAL A 310 -15.18 36.42 26.41
C VAL A 310 -14.80 37.89 26.20
N ILE A 311 -14.06 38.45 27.15
CA ILE A 311 -13.59 39.83 27.04
C ILE A 311 -12.60 39.97 25.88
N THR A 312 -11.70 38.99 25.74
CA THR A 312 -10.75 38.97 24.64
C THR A 312 -11.48 38.91 23.30
N THR A 313 -12.56 38.13 23.25
CA THR A 313 -13.38 38.03 22.06
C THR A 313 -13.99 39.39 21.71
N PHE A 314 -14.46 40.11 22.72
CA PHE A 314 -15.00 41.45 22.52
C PHE A 314 -13.94 42.39 21.98
N ARG A 315 -12.75 42.34 22.56
CA ARG A 315 -11.68 43.26 22.20
C ARG A 315 -11.14 43.04 20.78
N THR A 316 -11.00 41.78 20.38
CA THR A 316 -10.40 41.46 19.08
C THR A 316 -11.43 41.17 17.99
N GLY A 317 -12.60 40.69 18.39
CA GLY A 317 -13.65 40.35 17.44
C GLY A 317 -13.38 39.04 16.74
N THR A 318 -12.46 38.26 17.29
CA THR A 318 -12.09 36.98 16.68
C THR A 318 -12.17 35.84 17.69
N TRP A 319 -11.93 34.63 17.20
CA TRP A 319 -11.98 33.44 18.04
C TRP A 319 -10.61 33.10 18.60
N ASP A 320 -9.68 34.05 18.53
CA ASP A 320 -8.28 33.81 18.93
C ASP A 320 -8.10 33.31 20.36
N ALA A 321 -9.10 33.50 21.21
CA ALA A 321 -9.01 33.07 22.59
C ALA A 321 -9.53 31.64 22.79
N TYR A 322 -10.06 31.06 21.72
CA TYR A 322 -10.64 29.72 21.79
C TYR A 322 -10.00 28.77 20.77
N LEU A 323 -8.82 29.13 20.28
CA LEU A 323 -8.14 28.35 19.26
C LEU A 323 -6.67 28.15 19.57
N ILE A 324 -6.23 28.65 20.72
CA ILE A 324 -4.82 28.62 21.10
C ILE A 324 -4.22 27.21 21.06
N LYS A 325 -4.84 26.27 21.75
CA LYS A 325 -4.30 24.92 21.87
C LYS A 325 -4.45 24.12 20.58
N GLU A 326 -5.54 24.37 19.85
CA GLU A 326 -5.80 23.60 18.63
C GLU A 326 -4.91 24.06 17.48
N LYS A 327 -4.55 25.35 17.47
CA LYS A 327 -3.61 25.86 16.49
C LYS A 327 -2.22 25.31 16.72
N LYS A 328 -1.85 25.18 17.99
CA LYS A 328 -0.54 24.65 18.36
C LYS A 328 -0.45 23.17 17.98
N ALA A 329 -1.56 22.45 18.13
CA ALA A 329 -1.63 21.04 17.77
C ALA A 329 -1.34 20.83 16.29
N ALA A 330 -1.78 21.78 15.47
CA ALA A 330 -1.57 21.70 14.04
C ALA A 330 -0.15 22.13 13.66
N GLN A 331 0.40 23.09 14.42
CA GLN A 331 1.76 23.56 14.16
C GLN A 331 2.79 22.51 14.55
N THR A 332 2.47 21.70 15.54
CA THR A 332 3.34 20.58 15.91
C THR A 332 3.31 19.52 14.80
N LEU A 333 2.09 19.16 14.38
CA LEU A 333 1.90 18.18 13.32
C LEU A 333 2.53 18.66 12.01
N SER A 334 2.47 19.97 11.79
CA SER A 334 3.08 20.57 10.61
C SER A 334 4.58 20.34 10.62
N ALA A 335 5.22 20.61 11.75
CA ALA A 335 6.68 20.45 11.86
C ALA A 335 7.09 18.98 11.76
N ILE A 336 6.19 18.10 12.19
CA ILE A 336 6.45 16.66 12.16
C ILE A 336 6.36 16.11 10.73
N LEU A 337 5.25 16.38 10.07
CA LEU A 337 5.04 15.91 8.71
C LEU A 337 6.03 16.54 7.73
N LEU A 338 6.41 17.78 7.99
CA LEU A 338 7.36 18.48 7.13
C LEU A 338 8.74 17.87 7.27
N ALA A 339 9.07 17.43 8.48
CA ALA A 339 10.39 16.84 8.75
C ALA A 339 10.48 15.42 8.18
N PHE A 340 9.33 14.80 7.99
CA PHE A 340 9.27 13.42 7.50
C PHE A 340 9.18 13.38 5.97
N ILE A 341 8.44 14.33 5.39
CA ILE A 341 8.20 14.35 3.96
C ILE A 341 9.36 15.00 3.20
N ILE A 342 10.33 15.54 3.93
CA ILE A 342 11.48 16.17 3.28
C ILE A 342 12.72 15.29 3.38
N THR A 343 12.75 14.41 4.37
CA THR A 343 13.92 13.59 4.63
C THR A 343 13.78 12.18 4.06
N TRP A 344 12.58 11.81 3.68
CA TRP A 344 12.32 10.47 3.17
C TRP A 344 11.95 10.48 1.69
N THR A 345 11.55 11.65 1.20
CA THR A 345 11.14 11.78 -0.20
C THR A 345 12.26 11.49 -1.21
N PRO A 346 13.49 12.02 -0.99
CA PRO A 346 14.53 11.77 -1.99
C PRO A 346 14.84 10.29 -2.21
N TYR A 347 14.84 9.50 -1.14
CA TYR A 347 15.10 8.07 -1.26
C TYR A 347 13.97 7.38 -2.03
N ASN A 348 12.74 7.71 -1.69
CA ASN A 348 11.58 7.08 -2.33
C ASN A 348 11.37 7.57 -3.75
N ILE A 349 11.90 8.75 -4.06
CA ILE A 349 11.94 9.22 -5.44
C ILE A 349 12.91 8.34 -6.23
N MET A 350 14.04 8.04 -5.62
CA MET A 350 15.06 7.19 -6.24
C MET A 350 14.57 5.77 -6.41
N VAL A 351 13.70 5.32 -5.52
CA VAL A 351 13.06 4.02 -5.68
C VAL A 351 12.14 4.06 -6.89
N LEU A 352 11.43 5.18 -7.05
CA LEU A 352 10.57 5.38 -8.20
C LEU A 352 11.36 5.40 -9.50
N VAL A 353 12.45 6.15 -9.51
CA VAL A 353 13.30 6.28 -10.70
C VAL A 353 13.96 4.95 -11.07
N ASN A 354 14.55 4.29 -10.07
CA ASN A 354 15.26 3.03 -10.27
C ASN A 354 14.36 1.92 -10.82
N THR A 355 13.05 2.12 -10.73
CA THR A 355 12.10 1.15 -11.22
C THR A 355 12.02 1.17 -12.74
N PHE A 356 12.40 2.29 -13.34
CA PHE A 356 12.25 2.46 -14.79
C PHE A 356 13.59 2.65 -15.51
N CYS A 357 14.68 2.22 -14.88
CA CYS A 357 15.99 2.24 -15.51
C CYS A 357 16.99 1.39 -14.72
N ASP A 358 18.08 0.98 -15.38
CA ASP A 358 19.07 0.13 -14.76
C ASP A 358 20.13 0.95 -14.02
N SER A 359 21.28 1.13 -14.65
CA SER A 359 22.37 1.92 -14.06
C SER A 359 22.17 3.40 -14.32
N CYS A 360 21.49 4.08 -13.40
CA CYS A 360 21.21 5.50 -13.56
C CYS A 360 21.31 6.25 -12.23
N ILE A 361 21.29 5.50 -11.14
CA ILE A 361 21.41 6.09 -9.80
C ILE A 361 22.61 5.54 -9.06
N PRO A 362 23.67 6.35 -8.92
CA PRO A 362 24.93 5.96 -8.26
C PRO A 362 24.72 5.51 -6.83
N LYS A 363 25.63 4.66 -6.33
CA LYS A 363 25.53 4.18 -4.96
C LYS A 363 25.79 5.30 -3.97
N THR A 364 26.44 6.36 -4.43
CA THR A 364 26.71 7.53 -3.60
C THR A 364 25.41 8.20 -3.16
N TYR A 365 24.48 8.34 -4.10
CA TYR A 365 23.19 8.96 -3.81
C TYR A 365 22.28 8.02 -3.03
N TRP A 366 22.49 6.72 -3.19
CA TRP A 366 21.73 5.75 -2.41
C TRP A 366 22.12 5.81 -0.94
N ASN A 367 23.39 6.09 -0.69
CA ASN A 367 23.88 6.22 0.69
C ASN A 367 23.49 7.55 1.30
N LEU A 368 23.48 8.60 0.49
CA LEU A 368 23.07 9.93 0.94
C LEU A 368 21.56 9.95 1.19
N GLY A 369 20.80 9.35 0.28
CA GLY A 369 19.37 9.27 0.42
C GLY A 369 18.96 8.40 1.59
N TYR A 370 19.83 7.45 1.93
CA TYR A 370 19.59 6.56 3.06
C TYR A 370 19.88 7.27 4.38
N TRP A 371 20.94 8.07 4.38
CA TRP A 371 21.36 8.79 5.57
C TRP A 371 20.43 9.96 5.84
N LEU A 372 19.80 10.47 4.79
CA LEU A 372 18.89 11.59 4.93
C LEU A 372 17.65 11.20 5.74
N CYS A 373 17.24 9.95 5.60
CA CYS A 373 16.10 9.43 6.35
C CYS A 373 16.45 9.30 7.83
N TYR A 374 17.74 9.15 8.11
CA TYR A 374 18.21 8.99 9.48
C TYR A 374 18.09 10.27 10.28
N ILE A 375 18.29 11.42 9.63
CA ILE A 375 18.29 12.70 10.32
C ILE A 375 16.88 13.04 10.79
N ASN A 376 15.89 12.33 10.26
CA ASN A 376 14.51 12.47 10.71
C ASN A 376 14.38 12.05 12.17
N SER A 377 15.25 11.15 12.59
CA SER A 377 15.29 10.70 13.98
C SER A 377 15.94 11.76 14.87
N THR A 378 16.55 12.76 14.25
CA THR A 378 17.25 13.81 14.98
C THR A 378 16.40 15.08 15.05
N VAL A 379 15.58 15.29 14.03
CA VAL A 379 14.76 16.49 13.94
C VAL A 379 13.50 16.39 14.81
N ASN A 380 12.87 15.22 14.83
CA ASN A 380 11.66 15.00 15.62
C ASN A 380 11.78 15.37 17.11
N PRO A 381 12.92 15.04 17.76
CA PRO A 381 13.05 15.53 19.14
C PRO A 381 13.11 17.05 19.21
N VAL A 382 13.74 17.69 18.22
CA VAL A 382 13.83 19.14 18.19
C VAL A 382 12.45 19.77 17.95
N CYS A 383 11.63 19.08 17.14
CA CYS A 383 10.28 19.54 16.85
C CYS A 383 9.41 19.61 18.11
N TYR A 384 9.78 18.82 19.12
CA TYR A 384 9.08 18.83 20.39
C TYR A 384 9.32 20.13 21.15
N ALA A 385 10.57 20.58 21.17
CA ALA A 385 10.95 21.77 21.90
C ALA A 385 10.83 23.03 21.05
N LEU A 386 10.51 22.86 19.77
CA LEU A 386 10.37 23.97 18.85
C LEU A 386 8.93 24.47 18.77
N CYS A 387 8.02 23.71 19.37
CA CYS A 387 6.61 24.07 19.35
C CYS A 387 6.00 23.99 20.76
N ASN A 388 6.01 22.78 21.33
CA ASN A 388 5.47 22.57 22.67
C ASN A 388 6.32 23.23 23.73
N LYS A 389 5.72 24.15 24.48
CA LYS A 389 6.44 24.88 25.53
C LYS A 389 6.54 24.06 26.81
N THR A 390 5.87 22.92 26.83
CA THR A 390 5.91 22.04 27.99
C THR A 390 7.10 21.09 27.92
N PHE A 391 7.49 20.73 26.71
CA PHE A 391 8.69 19.92 26.49
C PHE A 391 9.94 20.74 26.78
N ARG A 392 9.87 22.05 26.55
CA ARG A 392 10.99 22.94 26.78
C ARG A 392 11.37 23.01 28.26
N THR A 393 10.36 23.14 29.11
CA THR A 393 10.58 23.27 30.55
C THR A 393 11.05 21.95 31.16
N THR A 394 10.65 20.83 30.55
CA THR A 394 11.02 19.51 31.05
C THR A 394 12.49 19.19 30.78
N PHE A 395 12.96 19.59 29.60
CA PHE A 395 14.35 19.36 29.22
C PHE A 395 15.29 20.23 30.07
N LYS A 396 14.76 21.35 30.55
CA LYS A 396 15.53 22.25 31.41
C LYS A 396 15.73 21.65 32.79
N THR A 397 14.75 20.86 33.23
CA THR A 397 14.83 20.19 34.54
C THR A 397 15.75 18.97 34.45
N LEU A 398 15.97 18.49 33.24
CA LEU A 398 16.83 17.34 33.01
C LEU A 398 18.14 17.75 32.35
N THR B 8 -40.37 -0.63 -8.04
CA THR B 8 -41.47 -1.55 -7.78
C THR B 8 -40.96 -2.93 -7.34
N ILE B 9 -41.65 -3.97 -7.77
CA ILE B 9 -41.27 -5.34 -7.43
C ILE B 9 -40.90 -6.13 -8.68
N TRP B 10 -41.28 -5.60 -9.84
CA TRP B 10 -40.93 -6.21 -11.12
C TRP B 10 -39.46 -6.01 -11.41
N GLN B 11 -38.85 -5.06 -10.69
CA GLN B 11 -37.43 -4.79 -10.84
C GLN B 11 -36.64 -5.57 -9.79
N VAL B 12 -37.34 -6.13 -8.82
CA VAL B 12 -36.73 -6.95 -7.78
C VAL B 12 -36.45 -8.35 -8.30
N VAL B 13 -37.44 -8.93 -8.96
CA VAL B 13 -37.31 -10.26 -9.56
C VAL B 13 -36.24 -10.26 -10.64
N PHE B 14 -36.22 -9.19 -11.44
CA PHE B 14 -35.24 -9.03 -12.51
C PHE B 14 -33.81 -9.05 -11.98
N ILE B 15 -33.57 -8.29 -10.91
CA ILE B 15 -32.25 -8.23 -10.30
C ILE B 15 -31.86 -9.57 -9.70
N ALA B 16 -32.74 -10.14 -8.89
CA ALA B 16 -32.49 -11.42 -8.23
C ALA B 16 -32.25 -12.54 -9.24
N PHE B 17 -32.88 -12.43 -10.40
CA PHE B 17 -32.73 -13.45 -11.44
C PHE B 17 -31.38 -13.35 -12.11
N LEU B 18 -30.97 -12.12 -12.41
CA LEU B 18 -29.68 -11.86 -13.05
C LEU B 18 -28.52 -12.23 -12.13
N THR B 19 -28.70 -12.00 -10.83
CA THR B 19 -27.66 -12.32 -9.86
C THR B 19 -27.49 -13.83 -9.68
N GLY B 20 -28.61 -14.54 -9.63
CA GLY B 20 -28.59 -15.98 -9.49
C GLY B 20 -27.99 -16.64 -10.71
N PHE B 21 -28.19 -16.03 -11.87
CA PHE B 21 -27.61 -16.52 -13.12
C PHE B 21 -26.09 -16.43 -13.10
N LEU B 22 -25.58 -15.26 -12.74
CA LEU B 22 -24.14 -15.03 -12.66
C LEU B 22 -23.52 -15.89 -11.56
N ALA B 23 -24.31 -16.22 -10.55
CA ALA B 23 -23.84 -17.04 -9.45
C ALA B 23 -23.62 -18.49 -9.90
N LEU B 24 -24.62 -19.05 -10.57
CA LEU B 24 -24.55 -20.44 -11.04
C LEU B 24 -23.40 -20.62 -12.03
N VAL B 25 -23.23 -19.66 -12.92
CA VAL B 25 -22.15 -19.70 -13.89
C VAL B 25 -20.81 -19.62 -13.17
N THR B 26 -20.74 -18.81 -12.13
CA THR B 26 -19.53 -18.65 -11.34
C THR B 26 -19.18 -19.94 -10.59
N ILE B 27 -20.18 -20.55 -9.99
CA ILE B 27 -19.98 -21.77 -9.19
C ILE B 27 -19.52 -22.94 -10.05
N ILE B 28 -20.29 -23.26 -11.08
CA ILE B 28 -19.97 -24.40 -11.95
C ILE B 28 -18.69 -24.13 -12.74
N GLY B 29 -18.37 -22.86 -12.94
CA GLY B 29 -17.17 -22.50 -13.69
C GLY B 29 -15.91 -22.80 -12.93
N ASN B 30 -15.93 -22.57 -11.62
CA ASN B 30 -14.76 -22.79 -10.78
C ASN B 30 -14.70 -24.21 -10.24
N ILE B 31 -15.85 -24.87 -10.18
CA ILE B 31 -15.88 -26.29 -9.81
C ILE B 31 -15.19 -27.09 -10.91
N LEU B 32 -15.46 -26.71 -12.16
CA LEU B 32 -14.80 -27.33 -13.32
C LEU B 32 -13.29 -27.20 -13.21
N VAL B 33 -12.81 -25.99 -12.94
CA VAL B 33 -11.38 -25.71 -12.87
C VAL B 33 -10.70 -26.55 -11.80
N ILE B 34 -11.34 -26.69 -10.65
CA ILE B 34 -10.79 -27.48 -9.56
C ILE B 34 -10.73 -28.96 -9.94
N VAL B 35 -11.84 -29.49 -10.45
CA VAL B 35 -11.91 -30.88 -10.88
C VAL B 35 -10.94 -31.15 -12.02
N ALA B 36 -10.85 -30.21 -12.95
CA ALA B 36 -9.94 -30.34 -14.10
C ALA B 36 -8.49 -30.51 -13.66
N PHE B 37 -8.13 -29.86 -12.55
CA PHE B 37 -6.76 -29.94 -12.06
C PHE B 37 -6.49 -31.29 -11.38
N LYS B 38 -7.56 -31.93 -10.91
CA LYS B 38 -7.43 -33.20 -10.21
C LYS B 38 -7.58 -34.40 -11.14
N VAL B 39 -8.51 -34.29 -12.10
CA VAL B 39 -8.82 -35.39 -12.98
C VAL B 39 -7.83 -35.50 -14.15
N ASN B 40 -7.11 -34.42 -14.42
CA ASN B 40 -6.17 -34.39 -15.53
C ASN B 40 -4.73 -34.19 -15.06
N LYS B 41 -3.84 -35.08 -15.49
CA LYS B 41 -2.44 -35.02 -15.10
C LYS B 41 -1.66 -34.04 -15.98
N GLN B 42 -2.24 -33.71 -17.13
CA GLN B 42 -1.59 -32.79 -18.06
C GLN B 42 -1.85 -31.32 -17.68
N LEU B 43 -2.74 -31.11 -16.72
CA LEU B 43 -3.04 -29.77 -16.23
C LEU B 43 -2.27 -29.47 -14.96
N LYS B 44 -1.79 -30.50 -14.29
CA LYS B 44 -1.10 -30.35 -13.02
C LYS B 44 0.27 -29.69 -13.19
N THR B 45 0.26 -28.36 -13.26
CA THR B 45 1.51 -27.59 -13.35
C THR B 45 1.53 -26.51 -12.27
N VAL B 46 2.67 -25.85 -12.12
CA VAL B 46 2.82 -24.81 -11.11
C VAL B 46 1.95 -23.60 -11.43
N ASN B 47 1.94 -23.19 -12.70
CA ASN B 47 1.12 -22.06 -13.13
C ASN B 47 -0.36 -22.32 -12.91
N ASN B 48 -0.79 -23.55 -13.19
CA ASN B 48 -2.18 -23.92 -13.01
C ASN B 48 -2.51 -24.19 -11.54
N TYR B 49 -1.48 -24.42 -10.74
CA TYR B 49 -1.64 -24.59 -9.30
C TYR B 49 -2.00 -23.26 -8.67
N PHE B 50 -1.49 -22.18 -9.26
CA PHE B 50 -1.84 -20.83 -8.84
C PHE B 50 -3.25 -20.47 -9.30
N LEU B 51 -3.64 -20.99 -10.46
CA LEU B 51 -4.98 -20.77 -10.99
C LEU B 51 -5.99 -21.58 -10.19
N LEU B 52 -5.51 -22.62 -9.52
CA LEU B 52 -6.35 -23.43 -8.64
C LEU B 52 -6.73 -22.63 -7.40
N SER B 53 -5.79 -21.81 -6.93
CA SER B 53 -6.04 -20.95 -5.77
C SER B 53 -7.11 -19.90 -6.08
N LEU B 54 -7.02 -19.29 -7.26
CA LEU B 54 -8.02 -18.31 -7.69
C LEU B 54 -9.40 -18.94 -7.78
N ALA B 55 -9.47 -20.14 -8.36
CA ALA B 55 -10.73 -20.84 -8.52
C ALA B 55 -11.39 -21.12 -7.18
N CYS B 56 -10.58 -21.38 -6.16
CA CYS B 56 -11.09 -21.64 -4.82
C CYS B 56 -11.64 -20.36 -4.20
N ALA B 57 -10.87 -19.28 -4.33
CA ALA B 57 -11.31 -17.97 -3.85
C ALA B 57 -12.56 -17.52 -4.59
N ASP B 58 -12.60 -17.77 -5.90
CA ASP B 58 -13.73 -17.40 -6.72
C ASP B 58 -14.96 -18.26 -6.42
N LEU B 59 -14.71 -19.47 -5.92
CA LEU B 59 -15.79 -20.38 -5.57
C LEU B 59 -16.49 -19.90 -4.29
N ILE B 60 -15.69 -19.41 -3.34
CA ILE B 60 -16.23 -18.84 -2.12
C ILE B 60 -17.10 -17.64 -2.44
N ILE B 61 -16.62 -16.80 -3.36
CA ILE B 61 -17.38 -15.64 -3.81
C ILE B 61 -18.69 -16.06 -4.47
N GLY B 62 -18.61 -17.03 -5.37
CA GLY B 62 -19.77 -17.48 -6.12
C GLY B 62 -20.83 -18.15 -5.29
N VAL B 63 -20.44 -18.67 -4.13
CA VAL B 63 -21.36 -19.37 -3.25
C VAL B 63 -21.84 -18.50 -2.10
N ILE B 64 -20.90 -17.88 -1.40
CA ILE B 64 -21.21 -17.10 -0.22
C ILE B 64 -21.45 -15.62 -0.53
N SER B 65 -20.38 -14.93 -0.90
CA SER B 65 -20.40 -13.48 -1.08
C SER B 65 -21.49 -12.97 -2.01
N MET B 66 -21.61 -13.57 -3.19
CA MET B 66 -22.61 -13.15 -4.16
C MET B 66 -24.04 -13.35 -3.64
N ASN B 67 -24.27 -14.49 -2.98
CA ASN B 67 -25.60 -14.83 -2.50
C ASN B 67 -26.02 -13.99 -1.29
N LEU B 68 -25.06 -13.67 -0.44
CA LEU B 68 -25.34 -12.91 0.78
C LEU B 68 -25.47 -11.41 0.49
N PHE B 69 -24.77 -10.94 -0.52
CA PHE B 69 -24.80 -9.52 -0.85
C PHE B 69 -26.09 -9.15 -1.58
N THR B 70 -26.74 -10.15 -2.18
CA THR B 70 -28.01 -9.91 -2.84
C THR B 70 -29.12 -9.74 -1.81
N THR B 71 -28.94 -10.38 -0.65
CA THR B 71 -29.87 -10.25 0.45
C THR B 71 -29.87 -8.81 0.99
N TYR B 72 -28.68 -8.26 1.18
CA TYR B 72 -28.51 -6.90 1.68
C TYR B 72 -29.12 -5.86 0.73
N ILE B 73 -29.22 -6.20 -0.55
CA ILE B 73 -29.77 -5.29 -1.55
C ILE B 73 -31.29 -5.41 -1.66
N ILE B 74 -31.77 -6.64 -1.80
CA ILE B 74 -33.19 -6.90 -1.95
C ILE B 74 -33.99 -6.53 -0.70
N MET B 75 -33.60 -7.10 0.43
CA MET B 75 -34.31 -6.87 1.69
C MET B 75 -34.01 -5.51 2.30
N ASN B 76 -33.07 -4.77 1.69
CA ASN B 76 -32.63 -3.47 2.18
C ASN B 76 -32.10 -3.52 3.62
N ARG B 77 -31.79 -4.72 4.09
CA ARG B 77 -31.31 -4.91 5.46
C ARG B 77 -30.62 -6.24 5.63
N TRP B 78 -29.78 -6.33 6.65
CA TRP B 78 -29.07 -7.58 6.97
C TRP B 78 -29.78 -8.32 8.08
N ALA B 79 -30.72 -9.19 7.70
CA ALA B 79 -31.54 -9.90 8.67
C ALA B 79 -30.90 -11.21 9.14
N LEU B 80 -29.59 -11.32 8.94
CA LEU B 80 -28.87 -12.55 9.31
C LEU B 80 -28.20 -12.40 10.67
N GLY B 81 -28.39 -11.25 11.30
CA GLY B 81 -27.88 -11.03 12.63
C GLY B 81 -26.67 -10.11 12.67
N ASN B 82 -25.78 -10.36 13.62
CA ASN B 82 -24.60 -9.54 13.80
C ASN B 82 -23.32 -10.31 13.46
N LEU B 83 -23.22 -11.53 13.97
CA LEU B 83 -22.05 -12.37 13.70
C LEU B 83 -21.96 -12.74 12.23
N ALA B 84 -23.11 -13.00 11.61
CA ALA B 84 -23.16 -13.36 10.20
C ALA B 84 -22.64 -12.22 9.33
N CYS B 85 -22.86 -11.00 9.78
CA CYS B 85 -22.38 -9.82 9.05
C CYS B 85 -20.87 -9.74 9.11
N ASP B 86 -20.32 -9.90 10.30
CA ASP B 86 -18.88 -9.80 10.51
C ASP B 86 -18.13 -10.94 9.83
N LEU B 87 -18.72 -12.12 9.81
CA LEU B 87 -18.09 -13.28 9.18
C LEU B 87 -18.15 -13.17 7.66
N TRP B 88 -19.29 -12.70 7.14
CA TRP B 88 -19.46 -12.55 5.70
C TRP B 88 -18.44 -11.56 5.14
N LEU B 89 -18.23 -10.45 5.84
CA LEU B 89 -17.26 -9.47 5.42
C LEU B 89 -15.83 -9.96 5.61
N SER B 90 -15.60 -10.70 6.69
CA SER B 90 -14.27 -11.24 6.97
C SER B 90 -13.91 -12.35 5.99
N ILE B 91 -14.94 -12.97 5.40
CA ILE B 91 -14.72 -13.99 4.39
C ILE B 91 -14.59 -13.35 3.02
N ASP B 92 -15.49 -12.41 2.74
CA ASP B 92 -15.50 -11.72 1.45
C ASP B 92 -14.22 -10.94 1.19
N TYR B 93 -13.68 -10.30 2.22
CA TYR B 93 -12.52 -9.43 2.05
C TYR B 93 -11.19 -10.17 2.11
N VAL B 94 -11.08 -11.18 2.96
CA VAL B 94 -9.85 -11.97 3.04
C VAL B 94 -9.63 -12.78 1.77
N ALA B 95 -10.69 -13.43 1.29
CA ALA B 95 -10.62 -14.25 0.09
C ALA B 95 -10.30 -13.43 -1.14
N SER B 96 -10.99 -12.29 -1.29
CA SER B 96 -10.81 -11.44 -2.46
C SER B 96 -9.51 -10.66 -2.40
N ASN B 97 -8.88 -10.62 -1.23
CA ASN B 97 -7.58 -9.98 -1.11
C ASN B 97 -6.47 -10.95 -1.47
N ALA B 98 -6.65 -12.21 -1.09
CA ALA B 98 -5.71 -13.27 -1.46
C ALA B 98 -5.70 -13.42 -2.97
N SER B 99 -6.87 -13.24 -3.58
CA SER B 99 -7.02 -13.31 -5.03
C SER B 99 -6.18 -12.24 -5.73
N VAL B 100 -6.04 -11.08 -5.09
CA VAL B 100 -5.20 -10.02 -5.64
C VAL B 100 -3.72 -10.37 -5.48
N MET B 101 -3.36 -10.89 -4.31
CA MET B 101 -2.00 -11.34 -4.06
C MET B 101 -1.65 -12.51 -4.98
N ASN B 102 -2.65 -13.33 -5.26
CA ASN B 102 -2.50 -14.46 -6.16
C ASN B 102 -2.14 -14.00 -7.56
N LEU B 103 -2.76 -12.91 -8.00
CA LEU B 103 -2.47 -12.32 -9.30
C LEU B 103 -1.07 -11.73 -9.33
N LEU B 104 -0.57 -11.32 -8.18
CA LEU B 104 0.79 -10.80 -8.08
C LEU B 104 1.79 -11.94 -8.18
N VAL B 105 1.49 -13.04 -7.50
CA VAL B 105 2.35 -14.22 -7.55
C VAL B 105 2.42 -14.75 -8.98
N ILE B 106 1.26 -14.81 -9.64
CA ILE B 106 1.17 -15.23 -11.04
C ILE B 106 1.96 -14.31 -11.96
N SER B 107 1.77 -13.00 -11.81
CA SER B 107 2.47 -12.02 -12.64
C SER B 107 3.99 -12.09 -12.46
N PHE B 108 4.43 -12.14 -11.20
CA PHE B 108 5.85 -12.24 -10.92
C PHE B 108 6.42 -13.59 -11.37
N ASP B 109 5.56 -14.59 -11.45
CA ASP B 109 5.97 -15.91 -11.93
C ASP B 109 6.29 -15.88 -13.41
N ARG B 110 5.36 -15.34 -14.21
CA ARG B 110 5.55 -15.20 -15.64
C ARG B 110 6.76 -14.33 -15.97
N TYR B 111 6.94 -13.25 -15.20
CA TYR B 111 8.03 -12.33 -15.44
C TYR B 111 9.40 -12.97 -15.18
N PHE B 112 9.45 -13.81 -14.15
CA PHE B 112 10.69 -14.49 -13.78
C PHE B 112 10.94 -15.70 -14.68
N SER B 113 9.86 -16.28 -15.21
CA SER B 113 9.95 -17.45 -16.07
C SER B 113 10.50 -17.13 -17.46
N ILE B 114 10.43 -15.86 -17.83
CA ILE B 114 10.84 -15.44 -19.16
C ILE B 114 12.19 -14.73 -19.13
N THR B 115 12.41 -13.93 -18.09
CA THR B 115 13.68 -13.20 -17.97
C THR B 115 14.82 -14.16 -17.65
N ARG B 116 14.55 -15.14 -16.81
CA ARG B 116 15.55 -16.16 -16.49
C ARG B 116 14.97 -17.56 -16.56
N PRO B 117 14.65 -18.03 -17.79
CA PRO B 117 13.99 -19.32 -18.00
C PRO B 117 14.78 -20.49 -17.39
N LEU B 118 16.10 -20.45 -17.51
CA LEU B 118 16.93 -21.53 -16.99
C LEU B 118 16.95 -21.52 -15.47
N THR B 119 17.71 -20.61 -14.89
CA THR B 119 17.90 -20.50 -13.44
C THR B 119 16.62 -20.59 -12.61
N TYR B 120 15.67 -19.69 -12.88
CA TYR B 120 14.49 -19.54 -12.03
C TYR B 120 13.56 -20.75 -12.03
N ARG B 121 13.38 -21.40 -13.18
CA ARG B 121 12.38 -22.47 -13.30
C ARG B 121 12.69 -23.71 -12.44
N ALA B 122 13.93 -23.86 -12.01
CA ALA B 122 14.31 -25.01 -11.18
C ALA B 122 13.91 -24.78 -9.73
N LYS B 123 13.51 -23.56 -9.43
CA LYS B 123 13.10 -23.22 -8.07
C LYS B 123 11.58 -23.18 -7.97
N ARG B 124 10.91 -23.44 -9.09
CA ARG B 124 9.45 -23.48 -9.09
C ARG B 124 8.93 -24.85 -8.67
N THR B 125 9.25 -25.25 -7.44
CA THR B 125 8.79 -26.52 -6.91
C THR B 125 7.34 -26.42 -6.42
N THR B 126 6.68 -27.56 -6.31
CA THR B 126 5.29 -27.60 -5.86
C THR B 126 5.15 -27.15 -4.40
N LYS B 127 6.20 -27.35 -3.62
CA LYS B 127 6.19 -26.96 -2.22
C LYS B 127 6.22 -25.44 -2.09
N ARG B 128 7.07 -24.80 -2.88
CA ARG B 128 7.18 -23.34 -2.86
C ARG B 128 5.89 -22.68 -3.36
N ALA B 129 5.27 -23.28 -4.37
CA ALA B 129 4.00 -22.78 -4.87
C ALA B 129 2.91 -22.99 -3.83
N GLY B 130 3.02 -24.05 -3.05
CA GLY B 130 2.08 -24.33 -1.98
C GLY B 130 2.24 -23.35 -0.82
N VAL B 131 3.49 -23.06 -0.49
CA VAL B 131 3.79 -22.10 0.57
C VAL B 131 3.36 -20.69 0.16
N MET B 132 3.66 -20.33 -1.09
CA MET B 132 3.34 -19.00 -1.60
C MET B 132 1.84 -18.72 -1.57
N ILE B 133 1.05 -19.70 -1.99
CA ILE B 133 -0.41 -19.57 -1.96
C ILE B 133 -0.90 -19.42 -0.53
N GLY B 134 -0.43 -20.31 0.34
CA GLY B 134 -0.79 -20.27 1.75
C GLY B 134 -0.35 -18.97 2.40
N LEU B 135 0.84 -18.51 2.03
CA LEU B 135 1.38 -17.27 2.57
C LEU B 135 0.52 -16.08 2.16
N ALA B 136 -0.12 -16.21 0.99
CA ALA B 136 -0.98 -15.16 0.49
C ALA B 136 -2.31 -15.16 1.22
N TRP B 137 -2.75 -16.33 1.67
CA TRP B 137 -4.02 -16.45 2.39
C TRP B 137 -3.88 -16.07 3.86
N VAL B 138 -2.79 -16.51 4.49
CA VAL B 138 -2.54 -16.22 5.89
C VAL B 138 -2.38 -14.72 6.12
N ILE B 139 -1.57 -14.08 5.27
CA ILE B 139 -1.37 -12.63 5.34
C ILE B 139 -2.69 -11.90 5.09
N SER B 140 -3.48 -12.40 4.15
CA SER B 140 -4.79 -11.82 3.85
C SER B 140 -5.73 -11.93 5.06
N PHE B 141 -5.58 -13.02 5.81
CA PHE B 141 -6.42 -13.24 6.97
C PHE B 141 -6.09 -12.29 8.11
N VAL B 142 -4.81 -12.19 8.45
CA VAL B 142 -4.33 -11.33 9.53
C VAL B 142 -4.60 -9.85 9.29
N LEU B 143 -4.65 -9.42 8.04
CA LEU B 143 -4.86 -8.00 7.77
C LEU B 143 -6.32 -7.62 7.95
N TRP B 144 -7.23 -8.53 7.60
CA TRP B 144 -8.64 -8.19 7.55
C TRP B 144 -9.49 -8.77 8.69
N ALA B 145 -9.28 -10.04 9.04
CA ALA B 145 -10.14 -10.69 10.04
C ALA B 145 -10.04 -10.05 11.43
N PRO B 146 -8.83 -9.79 11.95
CA PRO B 146 -8.76 -9.05 13.22
C PRO B 146 -9.37 -7.66 13.16
N ALA B 147 -9.39 -7.07 11.97
CA ALA B 147 -9.91 -5.73 11.79
C ALA B 147 -11.44 -5.77 11.74
N ILE B 148 -11.98 -6.57 10.83
CA ILE B 148 -13.42 -6.62 10.62
C ILE B 148 -14.15 -7.20 11.83
N LEU B 149 -13.56 -8.20 12.46
CA LEU B 149 -14.22 -8.89 13.57
C LEU B 149 -14.06 -8.18 14.91
N PHE B 150 -12.86 -7.68 15.19
CA PHE B 150 -12.52 -7.21 16.54
C PHE B 150 -12.33 -5.71 16.65
N TRP B 151 -12.95 -4.94 15.75
CA TRP B 151 -12.84 -3.49 15.81
C TRP B 151 -13.90 -2.91 16.74
N GLN B 152 -15.08 -3.51 16.72
CA GLN B 152 -16.18 -3.07 17.57
C GLN B 152 -15.87 -3.29 19.05
N TYR B 153 -14.99 -4.25 19.32
CA TYR B 153 -14.57 -4.55 20.69
C TYR B 153 -13.42 -3.64 21.12
N PHE B 154 -12.89 -2.90 20.17
CA PHE B 154 -11.79 -1.97 20.45
C PHE B 154 -12.33 -0.60 20.83
N VAL B 155 -13.21 -0.07 20.00
CA VAL B 155 -13.80 1.24 20.24
C VAL B 155 -14.93 1.17 21.26
N GLY B 156 -15.16 -0.01 21.80
CA GLY B 156 -16.17 -0.21 22.83
C GLY B 156 -17.53 -0.56 22.27
N LYS B 157 -18.07 0.32 21.43
CA LYS B 157 -19.40 0.12 20.86
C LYS B 157 -19.33 -0.35 19.41
N ARG B 158 -20.50 -0.51 18.80
CA ARG B 158 -20.60 -0.94 17.41
C ARG B 158 -21.32 0.12 16.60
N THR B 159 -20.56 0.97 15.91
CA THR B 159 -21.13 2.09 15.17
C THR B 159 -22.01 1.63 14.02
N VAL B 160 -21.81 0.38 13.59
CA VAL B 160 -22.63 -0.20 12.54
C VAL B 160 -24.07 -0.39 13.01
N PRO B 161 -25.01 0.39 12.45
CA PRO B 161 -26.41 0.37 12.89
C PRO B 161 -27.11 -0.96 12.61
N PRO B 162 -28.03 -1.36 13.50
CA PRO B 162 -28.81 -2.59 13.33
C PRO B 162 -29.59 -2.60 12.00
N GLY B 163 -29.52 -3.71 11.28
CA GLY B 163 -30.17 -3.82 9.99
C GLY B 163 -29.19 -3.66 8.85
N GLU B 164 -28.29 -2.70 8.98
CA GLU B 164 -27.27 -2.46 7.96
C GLU B 164 -26.05 -3.33 8.22
N CYS B 165 -25.20 -3.47 7.21
CA CYS B 165 -24.00 -4.29 7.34
C CYS B 165 -22.83 -3.74 6.53
N PHE B 166 -21.75 -3.41 7.22
CA PHE B 166 -20.54 -2.90 6.57
C PHE B 166 -19.35 -2.97 7.52
N ILE B 167 -18.16 -2.63 7.01
CA ILE B 167 -16.95 -2.66 7.81
C ILE B 167 -16.83 -1.37 8.62
N GLN B 168 -16.59 -1.51 9.92
CA GLN B 168 -16.65 -0.37 10.82
C GLN B 168 -15.48 0.59 10.69
N PHE B 169 -14.27 0.04 10.56
CA PHE B 169 -13.08 0.89 10.51
C PHE B 169 -12.89 1.48 9.11
N LEU B 170 -13.76 1.10 8.18
CA LEU B 170 -13.74 1.67 6.85
C LEU B 170 -14.81 2.75 6.71
N SER B 171 -15.35 3.19 7.85
CA SER B 171 -16.35 4.24 7.87
C SER B 171 -15.75 5.56 7.41
N GLU B 172 -14.53 5.84 7.85
CA GLU B 172 -13.80 7.03 7.44
C GLU B 172 -13.30 6.87 5.99
N PRO B 173 -13.67 7.82 5.12
CA PRO B 173 -13.31 7.77 3.70
C PRO B 173 -11.81 7.86 3.45
N THR B 174 -11.07 8.48 4.36
CA THR B 174 -9.63 8.61 4.21
C THR B 174 -8.94 7.29 4.50
N ILE B 175 -9.49 6.52 5.42
CA ILE B 175 -8.98 5.18 5.71
C ILE B 175 -9.24 4.25 4.52
N THR B 176 -10.44 4.31 3.97
CA THR B 176 -10.81 3.49 2.83
C THR B 176 -9.96 3.81 1.60
N PHE B 177 -9.67 5.10 1.43
CA PHE B 177 -8.85 5.54 0.30
C PHE B 177 -7.44 4.97 0.38
N GLY B 178 -6.80 5.14 1.55
CA GLY B 178 -5.44 4.67 1.74
C GLY B 178 -5.34 3.16 1.67
N THR B 179 -6.40 2.49 2.13
CA THR B 179 -6.47 1.04 2.08
C THR B 179 -6.56 0.55 0.64
N ALA B 180 -7.24 1.33 -0.20
CA ALA B 180 -7.41 0.98 -1.60
C ALA B 180 -6.11 1.18 -2.37
N ILE B 181 -5.30 2.13 -1.93
CA ILE B 181 -4.03 2.41 -2.59
C ILE B 181 -3.07 1.25 -2.43
N ALA B 182 -3.05 0.68 -1.22
CA ALA B 182 -2.11 -0.39 -0.90
C ALA B 182 -2.62 -1.76 -1.34
N ALA B 183 -3.93 -1.92 -1.41
CA ALA B 183 -4.52 -3.23 -1.68
C ALA B 183 -4.98 -3.40 -3.13
N PHE B 184 -5.15 -2.29 -3.85
CA PHE B 184 -5.59 -2.37 -5.25
C PHE B 184 -4.71 -1.58 -6.19
N TYR B 185 -4.58 -0.28 -5.95
CA TYR B 185 -3.86 0.60 -6.86
C TYR B 185 -2.39 0.23 -6.99
N MET B 186 -1.79 -0.21 -5.89
CA MET B 186 -0.39 -0.63 -5.91
C MET B 186 -0.20 -1.97 -6.62
N PRO B 187 -1.04 -2.97 -6.32
CA PRO B 187 -0.90 -4.21 -7.11
C PRO B 187 -1.15 -4.02 -8.60
N VAL B 188 -2.15 -3.21 -8.96
CA VAL B 188 -2.48 -3.00 -10.37
C VAL B 188 -1.34 -2.32 -11.14
N THR B 189 -0.73 -1.30 -10.54
CA THR B 189 0.39 -0.61 -11.16
C THR B 189 1.55 -1.58 -11.41
N ILE B 190 1.85 -2.43 -10.44
CA ILE B 190 2.91 -3.43 -10.58
C ILE B 190 2.61 -4.44 -11.68
N MET B 191 1.42 -5.04 -11.62
CA MET B 191 0.98 -6.00 -12.62
C MET B 191 1.01 -5.43 -14.03
N THR B 192 0.71 -4.14 -14.16
CA THR B 192 0.76 -3.46 -15.45
C THR B 192 2.20 -3.29 -15.90
N ILE B 193 3.06 -2.87 -14.96
CA ILE B 193 4.48 -2.71 -15.25
C ILE B 193 5.11 -4.05 -15.62
N LEU B 194 4.79 -5.08 -14.86
CA LEU B 194 5.27 -6.43 -15.13
C LEU B 194 4.82 -6.93 -16.49
N TYR B 195 3.55 -6.70 -16.82
CA TYR B 195 2.97 -7.24 -18.05
C TYR B 195 3.65 -6.71 -19.30
N TRP B 196 3.85 -5.39 -19.36
CA TRP B 196 4.46 -4.80 -20.55
C TRP B 196 5.92 -5.20 -20.66
N ARG B 197 6.54 -5.53 -19.54
CA ARG B 197 7.90 -6.07 -19.56
C ARG B 197 7.87 -7.51 -20.10
N ILE B 198 6.87 -8.26 -19.68
CA ILE B 198 6.63 -9.61 -20.18
C ILE B 198 6.29 -9.58 -21.68
N TYR B 199 5.53 -8.57 -22.07
CA TYR B 199 5.11 -8.40 -23.47
C TYR B 199 6.30 -8.13 -24.37
N LYS B 200 7.27 -7.37 -23.87
CA LYS B 200 8.46 -7.03 -24.63
C LYS B 200 9.40 -8.23 -24.75
N GLU B 201 9.43 -9.07 -23.72
CA GLU B 201 10.30 -10.24 -23.70
C GLU B 201 9.66 -11.42 -24.42
N THR B 202 8.39 -11.29 -24.79
CA THR B 202 7.67 -12.36 -25.46
C THR B 202 8.15 -12.53 -26.91
N GLU B 203 8.74 -11.48 -27.47
CA GLU B 203 9.21 -11.51 -28.85
C GLU B 203 10.73 -11.66 -28.92
N LYS B 204 11.40 -11.60 -27.77
CA LYS B 204 12.85 -11.76 -27.71
C LYS B 204 13.26 -13.22 -27.51
N MET B 205 14.38 -13.61 -28.10
CA MET B 205 14.95 -14.93 -27.90
C MET B 205 16.36 -15.05 -28.46
N ASN B 206 17.24 -15.67 -27.69
CA ASN B 206 18.60 -15.92 -28.14
C ASN B 206 18.82 -17.40 -28.41
N ILE B 207 20.05 -17.76 -28.80
CA ILE B 207 20.37 -19.14 -29.13
C ILE B 207 20.37 -20.01 -27.87
N PHE B 208 20.72 -19.40 -26.74
CA PHE B 208 20.82 -20.13 -25.48
C PHE B 208 19.45 -20.63 -25.00
N GLU B 209 18.42 -19.82 -25.21
CA GLU B 209 17.07 -20.23 -24.84
C GLU B 209 16.48 -21.19 -25.87
N MET B 210 16.94 -21.07 -27.11
CA MET B 210 16.47 -21.93 -28.20
C MET B 210 16.88 -23.38 -27.97
N LEU B 211 18.13 -23.56 -27.58
CA LEU B 211 18.65 -24.89 -27.28
C LEU B 211 18.02 -25.47 -26.03
N ARG B 212 17.85 -24.64 -25.00
CA ARG B 212 17.18 -25.10 -23.78
C ARG B 212 15.84 -25.74 -24.13
N ILE B 213 15.08 -25.07 -24.99
CA ILE B 213 13.80 -25.60 -25.43
C ILE B 213 13.95 -26.93 -26.15
N ASP B 214 14.85 -26.96 -27.13
CA ASP B 214 15.03 -28.14 -27.98
C ASP B 214 15.70 -29.29 -27.24
N GLU B 215 16.44 -28.97 -26.18
CA GLU B 215 17.10 -29.99 -25.37
C GLU B 215 16.23 -30.43 -24.20
N GLY B 216 14.93 -30.19 -24.30
CA GLY B 216 14.01 -30.58 -23.24
C GLY B 216 13.23 -29.44 -22.60
N GLY B 217 13.93 -28.43 -22.10
CA GLY B 217 13.30 -27.28 -21.48
C GLY B 217 13.23 -27.42 -19.97
N GLY B 218 14.33 -27.88 -19.39
CA GLY B 218 14.41 -28.09 -17.96
C GLY B 218 15.30 -27.08 -17.28
N SER B 219 15.74 -27.40 -16.06
CA SER B 219 16.45 -26.46 -15.21
C SER B 219 16.95 -27.17 -13.94
N GLY B 220 18.09 -26.75 -13.40
CA GLY B 220 18.88 -25.64 -13.90
C GLY B 220 18.72 -24.44 -12.99
N GLY B 221 19.64 -24.24 -12.04
CA GLY B 221 20.87 -24.97 -11.97
C GLY B 221 22.05 -24.04 -12.23
N ASP B 222 22.54 -23.41 -11.16
CA ASP B 222 23.68 -22.49 -11.21
C ASP B 222 24.88 -23.13 -11.91
N GLU B 223 25.19 -24.35 -11.51
CA GLU B 223 26.26 -25.12 -12.10
C GLU B 223 25.85 -25.57 -13.49
N ALA B 224 24.58 -25.95 -13.63
CA ALA B 224 24.04 -26.44 -14.89
C ALA B 224 24.11 -25.37 -15.98
N GLU B 225 23.83 -24.13 -15.59
CA GLU B 225 23.87 -23.00 -16.51
C GLU B 225 25.28 -22.74 -17.02
N LYS B 226 26.25 -22.79 -16.12
CA LYS B 226 27.66 -22.58 -16.47
C LYS B 226 28.13 -23.61 -17.50
N LEU B 227 27.65 -24.84 -17.35
CA LEU B 227 28.04 -25.93 -18.25
C LEU B 227 27.26 -25.85 -19.56
N PHE B 228 25.99 -25.47 -19.47
CA PHE B 228 25.14 -25.38 -20.65
C PHE B 228 25.68 -24.36 -21.63
N ASN B 229 26.08 -23.20 -21.12
CA ASN B 229 26.64 -22.14 -21.95
C ASN B 229 28.00 -22.53 -22.51
N GLN B 230 28.73 -23.34 -21.76
CA GLN B 230 30.04 -23.82 -22.19
C GLN B 230 29.89 -24.71 -23.41
N ASP B 231 28.81 -25.49 -23.45
CA ASP B 231 28.53 -26.38 -24.57
C ASP B 231 28.06 -25.58 -25.79
N VAL B 232 27.35 -24.49 -25.54
CA VAL B 232 26.85 -23.64 -26.62
C VAL B 232 28.00 -22.89 -27.28
N ASP B 233 28.93 -22.38 -26.46
CA ASP B 233 30.09 -21.68 -26.98
C ASP B 233 31.01 -22.62 -27.76
N ALA B 234 31.12 -23.87 -27.28
CA ALA B 234 31.94 -24.86 -27.96
C ALA B 234 31.38 -25.17 -29.34
N ALA B 235 30.05 -25.17 -29.45
CA ALA B 235 29.39 -25.43 -30.72
C ALA B 235 29.67 -24.31 -31.72
N VAL B 236 29.72 -23.08 -31.23
CA VAL B 236 30.01 -21.93 -32.08
C VAL B 236 31.47 -21.97 -32.55
N ARG B 237 32.37 -22.28 -31.63
CA ARG B 237 33.79 -22.40 -31.96
C ARG B 237 34.02 -23.56 -32.91
N GLY B 238 33.17 -24.57 -32.82
CA GLY B 238 33.24 -25.72 -33.71
C GLY B 238 32.83 -25.39 -35.13
N ILE B 239 32.09 -24.28 -35.28
CA ILE B 239 31.67 -23.82 -36.60
C ILE B 239 32.75 -22.94 -37.24
N LEU B 240 33.30 -22.03 -36.44
CA LEU B 240 34.32 -21.10 -36.92
C LEU B 240 35.63 -21.81 -37.28
N ARG B 241 35.82 -23.02 -36.74
CA ARG B 241 37.02 -23.79 -37.04
C ARG B 241 36.83 -24.62 -38.32
N ASN B 242 35.57 -24.87 -38.67
CA ASN B 242 35.25 -25.67 -39.84
C ASN B 242 35.33 -24.83 -41.12
N ALA B 243 35.93 -25.39 -42.16
CA ALA B 243 36.14 -24.67 -43.41
C ALA B 243 34.93 -24.77 -44.33
N LYS B 244 33.94 -25.54 -43.93
CA LYS B 244 32.73 -25.73 -44.73
C LYS B 244 31.52 -25.13 -44.02
N LEU B 245 31.68 -24.81 -42.74
CA LEU B 245 30.60 -24.23 -41.95
C LEU B 245 30.75 -22.73 -41.80
N LYS B 246 31.98 -22.29 -41.56
CA LYS B 246 32.27 -20.87 -41.32
C LYS B 246 31.81 -19.94 -42.47
N PRO B 247 32.02 -20.32 -43.74
CA PRO B 247 31.51 -19.44 -44.80
C PRO B 247 29.99 -19.24 -44.74
N VAL B 248 29.24 -20.33 -44.61
CA VAL B 248 27.79 -20.26 -44.51
C VAL B 248 27.36 -19.52 -43.25
N TYR B 249 28.11 -19.76 -42.17
CA TYR B 249 27.84 -19.13 -40.88
C TYR B 249 27.88 -17.60 -40.95
N ASP B 250 28.86 -17.06 -41.68
CA ASP B 250 29.04 -15.63 -41.78
C ASP B 250 27.99 -14.97 -42.67
N SER B 251 27.48 -15.73 -43.64
CA SER B 251 26.52 -15.20 -44.60
C SER B 251 25.09 -15.23 -44.07
N LEU B 252 24.90 -15.74 -42.86
CA LEU B 252 23.58 -15.84 -42.27
C LEU B 252 23.31 -14.74 -41.24
N ASP B 253 22.04 -14.40 -41.07
CA ASP B 253 21.61 -13.44 -40.06
C ASP B 253 21.51 -14.12 -38.70
N ALA B 254 21.63 -13.33 -37.64
CA ALA B 254 21.72 -13.83 -36.26
C ALA B 254 20.69 -14.90 -35.91
N VAL B 255 19.47 -14.76 -36.40
CA VAL B 255 18.43 -15.75 -36.13
C VAL B 255 18.72 -17.06 -36.87
N ARG B 256 18.99 -16.98 -38.17
CA ARG B 256 19.34 -18.17 -38.94
C ARG B 256 20.72 -18.69 -38.55
N ARG B 257 21.61 -17.77 -38.18
CA ARG B 257 22.93 -18.10 -37.69
C ARG B 257 22.82 -18.97 -36.44
N ALA B 258 21.78 -18.71 -35.65
CA ALA B 258 21.51 -19.49 -34.45
C ALA B 258 20.99 -20.88 -34.80
N ALA B 259 20.20 -20.97 -35.87
CA ALA B 259 19.63 -22.24 -36.31
C ALA B 259 20.72 -23.21 -36.76
N LEU B 260 21.79 -22.66 -37.35
CA LEU B 260 22.92 -23.48 -37.78
C LEU B 260 23.65 -24.03 -36.55
N ILE B 261 23.72 -23.22 -35.51
CA ILE B 261 24.30 -23.64 -34.24
C ILE B 261 23.49 -24.77 -33.62
N ASN B 262 22.16 -24.65 -33.69
CA ASN B 262 21.26 -25.67 -33.20
C ASN B 262 21.52 -27.05 -33.81
N MET B 263 21.89 -27.06 -35.09
CA MET B 263 22.18 -28.30 -35.78
C MET B 263 23.52 -28.89 -35.33
N VAL B 264 24.51 -28.02 -35.20
CA VAL B 264 25.84 -28.44 -34.76
C VAL B 264 25.79 -28.98 -33.34
N PHE B 265 25.01 -28.31 -32.49
CA PHE B 265 24.84 -28.72 -31.10
C PHE B 265 24.20 -30.10 -31.00
N GLN B 266 23.33 -30.42 -31.95
CA GLN B 266 22.60 -31.68 -31.93
C GLN B 266 23.41 -32.84 -32.53
N MET B 267 23.96 -32.65 -33.72
CA MET B 267 24.63 -33.74 -34.41
C MET B 267 26.07 -33.45 -34.79
N GLY B 268 26.73 -32.60 -34.00
CA GLY B 268 28.15 -32.38 -34.15
C GLY B 268 28.57 -31.62 -35.39
N GLU B 269 29.79 -31.09 -35.35
CA GLU B 269 30.33 -30.31 -36.47
C GLU B 269 30.40 -31.11 -37.76
N THR B 270 31.01 -32.29 -37.69
CA THR B 270 31.21 -33.15 -38.86
C THR B 270 29.89 -33.58 -39.48
N GLY B 271 28.90 -33.87 -38.64
CA GLY B 271 27.60 -34.31 -39.12
C GLY B 271 26.88 -33.25 -39.93
N VAL B 272 27.01 -32.00 -39.52
CA VAL B 272 26.33 -30.88 -40.18
C VAL B 272 27.05 -30.49 -41.46
N ALA B 273 28.38 -30.58 -41.45
CA ALA B 273 29.19 -30.29 -42.63
C ALA B 273 29.01 -31.33 -43.73
N GLY B 274 28.20 -32.35 -43.45
CA GLY B 274 27.89 -33.37 -44.43
C GLY B 274 26.73 -32.98 -45.32
N PHE B 275 25.95 -32.01 -44.86
CA PHE B 275 24.84 -31.48 -45.66
C PHE B 275 25.34 -30.52 -46.74
N THR B 276 26.03 -31.06 -47.74
CA THR B 276 26.71 -30.25 -48.74
C THR B 276 25.77 -29.35 -49.55
N ASN B 277 24.72 -29.95 -50.11
CA ASN B 277 23.75 -29.22 -50.90
C ASN B 277 22.95 -28.21 -50.08
N SER B 278 22.49 -28.64 -48.90
CA SER B 278 21.71 -27.77 -48.03
C SER B 278 22.51 -26.57 -47.55
N LEU B 279 23.77 -26.79 -47.17
CA LEU B 279 24.62 -25.70 -46.70
C LEU B 279 24.91 -24.71 -47.80
N ARG B 280 24.96 -25.19 -49.04
CA ARG B 280 25.17 -24.33 -50.18
C ARG B 280 23.96 -23.43 -50.38
N MET B 281 22.78 -24.05 -50.39
CA MET B 281 21.52 -23.34 -50.59
C MET B 281 21.28 -22.29 -49.50
N LEU B 282 21.82 -22.52 -48.31
CA LEU B 282 21.71 -21.55 -47.23
C LEU B 282 22.56 -20.32 -47.52
N GLN B 283 23.76 -20.55 -48.06
CA GLN B 283 24.66 -19.44 -48.37
C GLN B 283 24.14 -18.67 -49.59
N GLN B 284 23.40 -19.36 -50.45
CA GLN B 284 22.76 -18.71 -51.59
C GLN B 284 21.43 -18.09 -51.17
N LYS B 285 21.15 -18.16 -49.88
CA LYS B 285 19.92 -17.60 -49.30
C LYS B 285 18.66 -18.13 -49.97
N ARG B 286 18.74 -19.35 -50.50
CA ARG B 286 17.59 -20.01 -51.09
C ARG B 286 16.93 -20.90 -50.05
N TRP B 287 16.23 -20.27 -49.11
CA TRP B 287 15.74 -20.95 -47.91
C TRP B 287 14.81 -22.11 -48.21
N ASP B 288 13.82 -21.87 -49.07
CA ASP B 288 12.81 -22.87 -49.38
C ASP B 288 13.41 -24.11 -50.02
N GLU B 289 14.47 -23.93 -50.80
CA GLU B 289 15.14 -25.05 -51.44
C GLU B 289 15.90 -25.85 -50.39
N ALA B 290 16.64 -25.15 -49.54
CA ALA B 290 17.36 -25.78 -48.44
C ALA B 290 16.39 -26.42 -47.46
N ALA B 291 15.22 -25.82 -47.29
CA ALA B 291 14.19 -26.36 -46.42
C ALA B 291 13.71 -27.73 -46.92
N VAL B 292 13.44 -27.82 -48.22
CA VAL B 292 13.01 -29.07 -48.81
C VAL B 292 14.10 -30.12 -48.74
N ASN B 293 15.34 -29.67 -48.94
CA ASN B 293 16.49 -30.57 -48.92
C ASN B 293 16.79 -31.12 -47.54
N LEU B 294 16.62 -30.28 -46.51
CA LEU B 294 16.86 -30.69 -45.13
C LEU B 294 15.78 -31.64 -44.64
N ALA B 295 14.56 -31.48 -45.14
CA ALA B 295 13.45 -32.31 -44.71
C ALA B 295 13.48 -33.68 -45.40
N LYS B 296 14.50 -33.90 -46.22
CA LYS B 296 14.67 -35.17 -46.91
C LYS B 296 15.73 -36.04 -46.22
N SER B 297 16.57 -35.40 -45.41
CA SER B 297 17.67 -36.08 -44.75
C SER B 297 17.20 -36.93 -43.58
N ARG B 298 18.13 -37.70 -43.02
CA ARG B 298 17.82 -38.61 -41.91
C ARG B 298 17.57 -37.82 -40.62
N TRP B 299 18.24 -36.68 -40.50
CA TRP B 299 18.05 -35.78 -39.36
C TRP B 299 16.59 -35.33 -39.22
N TYR B 300 15.82 -35.42 -40.30
CA TYR B 300 14.40 -35.12 -40.23
C TYR B 300 13.59 -36.35 -39.82
N ASN B 301 14.03 -37.53 -40.25
CA ASN B 301 13.36 -38.76 -39.87
C ASN B 301 13.55 -39.08 -38.39
N GLN B 302 14.78 -38.95 -37.92
CA GLN B 302 15.05 -39.03 -36.49
C GLN B 302 14.89 -37.65 -35.88
N THR B 303 13.94 -37.54 -34.95
CA THR B 303 13.55 -36.26 -34.35
C THR B 303 13.04 -35.25 -35.40
N PRO B 304 11.84 -35.48 -35.95
CA PRO B 304 11.23 -34.53 -36.88
C PRO B 304 10.70 -33.25 -36.22
N ASN B 305 10.18 -33.35 -35.00
CA ASN B 305 9.62 -32.17 -34.33
C ASN B 305 10.66 -31.07 -34.13
N ARG B 306 11.86 -31.46 -33.71
CA ARG B 306 12.95 -30.48 -33.55
C ARG B 306 13.41 -29.98 -34.92
N ALA B 307 13.39 -30.86 -35.91
CA ALA B 307 13.85 -30.51 -37.25
C ALA B 307 12.97 -29.43 -37.87
N LYS B 308 11.65 -29.59 -37.75
CA LYS B 308 10.71 -28.61 -38.28
C LYS B 308 10.97 -27.20 -37.76
N ARG B 309 11.23 -27.08 -36.46
CA ARG B 309 11.46 -25.78 -35.84
C ARG B 309 12.73 -25.13 -36.37
N VAL B 310 13.78 -25.94 -36.52
CA VAL B 310 15.05 -25.44 -37.03
C VAL B 310 14.91 -25.03 -38.50
N ILE B 311 14.17 -25.82 -39.27
CA ILE B 311 13.96 -25.53 -40.68
C ILE B 311 13.08 -24.30 -40.85
N THR B 312 12.05 -24.17 -40.02
CA THR B 312 11.20 -22.99 -40.02
C THR B 312 12.05 -21.74 -39.75
N THR B 313 12.99 -21.86 -38.82
CA THR B 313 13.88 -20.76 -38.51
C THR B 313 14.73 -20.37 -39.73
N PHE B 314 15.07 -21.35 -40.56
CA PHE B 314 15.81 -21.09 -41.80
C PHE B 314 14.93 -20.37 -42.82
N ARG B 315 13.71 -20.86 -42.99
CA ARG B 315 12.74 -20.26 -43.91
C ARG B 315 12.39 -18.82 -43.53
N THR B 316 11.88 -18.63 -42.32
CA THR B 316 11.31 -17.35 -41.92
C THR B 316 12.36 -16.35 -41.43
N GLY B 317 13.40 -16.85 -40.78
CA GLY B 317 14.42 -15.97 -40.22
C GLY B 317 13.93 -15.34 -38.93
N THR B 318 12.88 -15.92 -38.38
CA THR B 318 12.29 -15.42 -37.15
C THR B 318 12.24 -16.50 -36.08
N TRP B 319 11.85 -16.10 -34.87
CA TRP B 319 11.73 -17.01 -33.74
C TRP B 319 10.29 -17.49 -33.55
N ASP B 320 9.43 -17.23 -34.53
CA ASP B 320 8.01 -17.52 -34.41
C ASP B 320 7.66 -19.01 -34.27
N ALA B 321 8.69 -19.86 -34.19
CA ALA B 321 8.47 -21.28 -33.97
C ALA B 321 8.88 -21.67 -32.55
N TYR B 322 9.44 -20.71 -31.83
CA TYR B 322 9.89 -20.91 -30.47
C TYR B 322 9.21 -19.95 -29.49
N LEU B 323 8.40 -19.03 -30.02
CA LEU B 323 7.72 -18.04 -29.20
C LEU B 323 6.24 -18.35 -29.08
N ILE B 324 5.82 -19.46 -29.67
CA ILE B 324 4.43 -19.89 -29.64
C ILE B 324 3.90 -20.10 -28.22
N LYS B 325 4.79 -20.46 -27.30
CA LYS B 325 4.39 -20.75 -25.92
C LYS B 325 4.34 -19.49 -25.06
N GLU B 326 5.42 -18.71 -25.11
CA GLU B 326 5.52 -17.50 -24.30
C GLU B 326 4.44 -16.48 -24.67
N LYS B 327 4.08 -16.45 -25.96
CA LYS B 327 3.02 -15.57 -26.44
C LYS B 327 1.65 -16.02 -25.93
N LYS B 328 1.43 -17.33 -25.94
CA LYS B 328 0.16 -17.88 -25.47
C LYS B 328 -0.03 -17.60 -23.98
N ALA B 329 1.06 -17.67 -23.24
CA ALA B 329 1.03 -17.42 -21.81
C ALA B 329 0.77 -15.95 -21.54
N ALA B 330 1.12 -15.11 -22.50
CA ALA B 330 0.87 -13.68 -22.42
C ALA B 330 -0.60 -13.39 -22.73
N GLN B 331 -1.20 -14.21 -23.58
CA GLN B 331 -2.60 -14.04 -23.95
C GLN B 331 -3.52 -14.39 -22.79
N THR B 332 -3.12 -15.41 -22.03
CA THR B 332 -3.89 -15.84 -20.86
C THR B 332 -3.72 -14.83 -19.73
N LEU B 333 -2.50 -14.34 -19.55
CA LEU B 333 -2.20 -13.39 -18.49
C LEU B 333 -2.94 -12.07 -18.70
N SER B 334 -2.94 -11.59 -19.94
CA SER B 334 -3.62 -10.33 -20.25
C SER B 334 -5.12 -10.46 -20.03
N ALA B 335 -5.68 -11.59 -20.43
CA ALA B 335 -7.11 -11.83 -20.28
C ALA B 335 -7.52 -11.78 -18.82
N ILE B 336 -6.76 -12.46 -17.96
CA ILE B 336 -7.03 -12.47 -16.54
C ILE B 336 -6.78 -11.10 -15.93
N LEU B 337 -5.69 -10.46 -16.37
CA LEU B 337 -5.30 -9.15 -15.85
C LEU B 337 -6.32 -8.08 -16.21
N LEU B 338 -6.73 -8.04 -17.48
CA LEU B 338 -7.71 -7.05 -17.92
C LEU B 338 -9.08 -7.31 -17.30
N ALA B 339 -9.39 -8.57 -17.03
CA ALA B 339 -10.65 -8.93 -16.42
C ALA B 339 -10.73 -8.38 -15.00
N PHE B 340 -9.55 -8.20 -14.39
CA PHE B 340 -9.46 -7.70 -13.04
C PHE B 340 -9.44 -6.18 -12.99
N ILE B 341 -8.75 -5.58 -13.94
CA ILE B 341 -8.59 -4.13 -13.97
C ILE B 341 -9.81 -3.43 -14.57
N ILE B 342 -10.79 -4.20 -15.02
CA ILE B 342 -12.00 -3.62 -15.58
C ILE B 342 -13.18 -3.80 -14.64
N THR B 343 -13.11 -4.81 -13.78
CA THR B 343 -14.23 -5.14 -12.90
C THR B 343 -14.05 -4.63 -11.48
N TRP B 344 -12.84 -4.13 -11.18
CA TRP B 344 -12.55 -3.61 -9.85
C TRP B 344 -12.24 -2.12 -9.87
N THR B 345 -11.83 -1.64 -11.04
CA THR B 345 -11.48 -0.23 -11.19
C THR B 345 -12.64 0.74 -10.89
N PRO B 346 -13.87 0.45 -11.37
CA PRO B 346 -14.94 1.40 -11.06
C PRO B 346 -15.19 1.59 -9.56
N TYR B 347 -15.18 0.51 -8.79
CA TYR B 347 -15.42 0.58 -7.35
C TYR B 347 -14.33 1.40 -6.67
N ASN B 348 -13.08 1.19 -7.08
CA ASN B 348 -11.96 1.89 -6.48
C ASN B 348 -11.88 3.34 -6.93
N ILE B 349 -12.34 3.63 -8.14
CA ILE B 349 -12.42 5.00 -8.63
C ILE B 349 -13.44 5.76 -7.78
N MET B 350 -14.56 5.10 -7.48
CA MET B 350 -15.58 5.67 -6.64
C MET B 350 -15.06 5.93 -5.22
N VAL B 351 -14.20 5.04 -4.75
CA VAL B 351 -13.52 5.24 -3.46
C VAL B 351 -12.64 6.50 -3.52
N LEU B 352 -11.96 6.69 -4.65
CA LEU B 352 -11.14 7.86 -4.87
C LEU B 352 -11.98 9.14 -4.84
N VAL B 353 -13.17 9.08 -5.45
CA VAL B 353 -14.05 10.23 -5.51
C VAL B 353 -14.68 10.52 -4.15
N ASN B 354 -15.12 9.45 -3.48
CA ASN B 354 -15.80 9.57 -2.19
C ASN B 354 -14.90 10.13 -1.09
N THR B 355 -13.60 10.21 -1.36
CA THR B 355 -12.66 10.76 -0.39
C THR B 355 -12.59 12.27 -0.54
N PHE B 356 -13.16 12.78 -1.64
CA PHE B 356 -13.11 14.21 -1.93
C PHE B 356 -14.49 14.84 -2.03
N CYS B 357 -15.50 14.13 -1.52
CA CYS B 357 -16.86 14.66 -1.40
C CYS B 357 -17.68 13.75 -0.50
N ASP B 358 -18.47 14.35 0.39
CA ASP B 358 -19.18 13.60 1.42
C ASP B 358 -20.42 12.88 0.88
N SER B 359 -21.26 13.61 0.15
CA SER B 359 -22.50 13.04 -0.37
C SER B 359 -22.64 13.31 -1.86
N CYS B 360 -21.91 12.55 -2.67
CA CYS B 360 -21.92 12.74 -4.11
C CYS B 360 -22.22 11.44 -4.86
N ILE B 361 -21.68 10.33 -4.38
CA ILE B 361 -21.91 9.03 -5.00
C ILE B 361 -23.15 8.35 -4.44
N PRO B 362 -24.15 8.11 -5.29
CA PRO B 362 -25.41 7.44 -4.91
C PRO B 362 -25.19 6.02 -4.38
N LYS B 363 -26.12 5.54 -3.56
CA LYS B 363 -26.04 4.21 -2.97
C LYS B 363 -26.25 3.15 -4.05
N THR B 364 -26.91 3.53 -5.13
CA THR B 364 -27.16 2.63 -6.25
C THR B 364 -25.85 2.23 -6.93
N TYR B 365 -25.02 3.22 -7.22
CA TYR B 365 -23.74 2.98 -7.89
C TYR B 365 -22.77 2.23 -7.00
N TRP B 366 -22.93 2.33 -5.69
CA TRP B 366 -22.08 1.59 -4.75
C TRP B 366 -22.35 0.09 -4.82
N ASN B 367 -23.63 -0.27 -4.91
CA ASN B 367 -24.01 -1.67 -4.99
C ASN B 367 -23.63 -2.27 -6.35
N LEU B 368 -23.63 -1.44 -7.39
CA LEU B 368 -23.27 -1.89 -8.73
C LEU B 368 -21.76 -2.09 -8.84
N GLY B 369 -20.99 -1.11 -8.35
CA GLY B 369 -19.54 -1.19 -8.38
C GLY B 369 -19.00 -2.29 -7.49
N TYR B 370 -19.74 -2.60 -6.44
CA TYR B 370 -19.36 -3.67 -5.52
C TYR B 370 -19.68 -5.02 -6.15
N TRP B 371 -20.83 -5.11 -6.78
CA TRP B 371 -21.25 -6.34 -7.42
C TRP B 371 -20.43 -6.63 -8.68
N LEU B 372 -19.92 -5.56 -9.31
CA LEU B 372 -19.11 -5.70 -10.52
C LEU B 372 -17.82 -6.44 -10.22
N CYS B 373 -17.35 -6.35 -8.98
CA CYS B 373 -16.15 -7.04 -8.56
C CYS B 373 -16.40 -8.54 -8.43
N TYR B 374 -17.66 -8.90 -8.17
CA TYR B 374 -18.03 -10.30 -8.02
C TYR B 374 -18.00 -11.05 -9.36
N ILE B 375 -18.21 -10.33 -10.45
CA ILE B 375 -18.25 -10.95 -11.76
C ILE B 375 -16.85 -11.31 -12.23
N ASN B 376 -15.84 -10.77 -11.56
CA ASN B 376 -14.47 -11.11 -11.84
C ASN B 376 -14.21 -12.59 -11.54
N SER B 377 -14.99 -13.14 -10.61
CA SER B 377 -14.89 -14.55 -10.26
C SER B 377 -15.57 -15.43 -11.31
N THR B 378 -16.26 -14.79 -12.25
CA THR B 378 -16.98 -15.48 -13.30
C THR B 378 -16.18 -15.52 -14.60
N VAL B 379 -15.46 -14.44 -14.88
CA VAL B 379 -14.72 -14.31 -16.12
C VAL B 379 -13.48 -15.20 -16.14
N ASN B 380 -12.86 -15.39 -14.97
CA ASN B 380 -11.63 -16.18 -14.87
C ASN B 380 -11.73 -17.63 -15.37
N PRO B 381 -12.80 -18.36 -15.00
CA PRO B 381 -12.89 -19.71 -15.59
C PRO B 381 -13.19 -19.67 -17.09
N VAL B 382 -13.84 -18.60 -17.56
CA VAL B 382 -14.15 -18.47 -18.97
C VAL B 382 -12.90 -18.15 -19.78
N CYS B 383 -11.99 -17.36 -19.19
CA CYS B 383 -10.72 -17.05 -19.83
C CYS B 383 -9.86 -18.30 -19.99
N TYR B 384 -9.97 -19.22 -19.04
CA TYR B 384 -9.19 -20.47 -19.08
C TYR B 384 -9.58 -21.30 -20.30
N ALA B 385 -10.84 -21.23 -20.70
CA ALA B 385 -11.33 -21.98 -21.85
C ALA B 385 -11.02 -21.24 -23.14
N LEU B 386 -11.31 -19.95 -23.19
CA LEU B 386 -11.13 -19.16 -24.40
C LEU B 386 -9.67 -18.92 -24.75
N CYS B 387 -8.76 -19.39 -23.90
CA CYS B 387 -7.33 -19.23 -24.14
C CYS B 387 -6.61 -20.57 -24.19
N ASN B 388 -6.75 -21.36 -23.13
CA ASN B 388 -6.10 -22.67 -23.06
C ASN B 388 -6.99 -23.79 -23.58
N LYS B 389 -6.51 -24.50 -24.60
CA LYS B 389 -7.26 -25.58 -25.22
C LYS B 389 -7.30 -26.84 -24.36
N THR B 390 -6.37 -26.94 -23.42
CA THR B 390 -6.31 -28.08 -22.51
C THR B 390 -7.49 -28.04 -21.53
N PHE B 391 -7.91 -26.82 -21.17
CA PHE B 391 -9.08 -26.65 -20.30
C PHE B 391 -10.38 -26.85 -21.08
N ARG B 392 -10.38 -26.47 -22.35
CA ARG B 392 -11.53 -26.69 -23.24
C ARG B 392 -11.96 -28.15 -23.27
N THR B 393 -11.04 -29.01 -23.68
CA THR B 393 -11.31 -30.44 -23.85
C THR B 393 -11.69 -31.10 -22.53
N THR B 394 -11.13 -30.60 -21.43
CA THR B 394 -11.42 -31.13 -20.11
C THR B 394 -12.84 -30.76 -19.67
N PHE B 395 -13.23 -29.52 -19.96
CA PHE B 395 -14.57 -29.05 -19.61
C PHE B 395 -15.62 -29.79 -20.43
N LYS B 396 -15.29 -30.09 -21.68
CA LYS B 396 -16.19 -30.83 -22.57
C LYS B 396 -16.34 -32.28 -22.12
N THR B 397 -15.30 -32.80 -21.48
CA THR B 397 -15.31 -34.17 -20.96
C THR B 397 -16.28 -34.32 -19.79
N LEU B 398 -16.24 -33.36 -18.87
CA LEU B 398 -17.14 -33.34 -17.73
C LEU B 398 -18.58 -33.08 -18.19
N LEU B 399 -18.72 -32.39 -19.32
CA LEU B 399 -20.03 -32.06 -19.87
C LEU B 399 -20.25 -32.74 -21.21
#